data_5BJV
#
_entry.id   5BJV
#
_cell.length_a   69.820
_cell.length_b   108.468
_cell.length_c   108.959
_cell.angle_alpha   90.00
_cell.angle_beta   90.00
_cell.angle_gamma   90.00
#
_symmetry.space_group_name_H-M   'P 21 21 21'
#
loop_
_entity.id
_entity.type
_entity.pdbx_description
1 polymer 'WlaL protein'
2 non-polymer NICOTINAMIDE-ADENINE-DINUCLEOTIDE
3 non-polymer URIDINE-DIPHOSPHATE-N-ACETYLGLUCOSAMINE
4 non-polymer 1,2-ETHANEDIOL
5 non-polymer 'SODIUM ION'
6 water water
#
_entity_poly.entity_id   1
_entity_poly.type   'polypeptide(L)'
_entity_poly.pdbx_seq_one_letter_code
;ARDISIEDLLARKPKDLDDSAVAAFLKDKVVLVSGAGGTIGSELCKQCIKFGAKHLIMVDHSEYNLYKINDDLNLYKEKI
TPILLSILDKQSLDEVLKTYKPELILHAAAYKHVPLCEQNPHSAVINNILGTKILCDSAKENKVAKFVMISTNAAVRPTN
IMGCTKRVCELYTLSMSDENFEVACVRFGNVLGSSGSVIPKFKAQIANNEPLTLTHPDIVRYFMLVAEAVQLVLQAGAIA
KGGELFVLDMGKPVKIIDLAKKMLLLSNRNDLEIKITGLRKGEKLYEELLIDENDAKTQYESIFVAKNEKVDLDWLNKEI
ENLQICEDISEALLKIVPEFKHNKEGIAAGFNRIPAAALEHHHHHH
;
_entity_poly.pdbx_strand_id   A,B
#
loop_
_chem_comp.id
_chem_comp.type
_chem_comp.name
_chem_comp.formula
EDO non-polymer 1,2-ETHANEDIOL 'C2 H6 O2'
NA non-polymer 'SODIUM ION' 'Na 1'
NAD non-polymer NICOTINAMIDE-ADENINE-DINUCLEOTIDE 'C21 H27 N7 O14 P2'
UD1 non-polymer URIDINE-DIPHOSPHATE-N-ACETYLGLUCOSAMINE 'C17 H27 N3 O17 P2'
#
# COMPACT_ATOMS: atom_id res chain seq x y z
N SER A 5 12.08 -9.12 -24.16
CA SER A 5 12.32 -8.41 -22.91
C SER A 5 13.32 -9.15 -22.04
N ILE A 6 13.76 -8.49 -20.96
CA ILE A 6 14.71 -9.09 -20.04
C ILE A 6 14.11 -10.29 -19.32
N GLU A 7 12.82 -10.21 -19.02
CA GLU A 7 12.13 -11.29 -18.33
C GLU A 7 12.20 -12.59 -19.12
N ASP A 8 11.96 -12.50 -20.43
CA ASP A 8 11.99 -13.67 -21.30
C ASP A 8 13.29 -14.43 -21.12
N LEU A 9 14.40 -13.75 -21.43
CA LEU A 9 15.74 -14.26 -21.24
C LEU A 9 16.00 -15.09 -19.98
N LEU A 10 15.63 -14.53 -18.84
CA LEU A 10 15.99 -15.06 -17.55
C LEU A 10 14.90 -15.95 -16.94
N ALA A 11 13.82 -16.21 -17.65
CA ALA A 11 12.79 -17.16 -17.21
C ALA A 11 13.37 -18.48 -16.82
N ARG A 12 12.71 -19.19 -15.88
CA ARG A 12 13.07 -20.57 -15.49
C ARG A 12 12.50 -21.67 -16.42
N LYS A 13 11.23 -21.47 -16.78
CA LYS A 13 10.44 -22.39 -17.60
C LYS A 13 10.64 -23.84 -17.16
N PRO A 14 10.32 -24.10 -15.89
CA PRO A 14 10.45 -25.45 -15.35
C PRO A 14 9.58 -26.35 -16.20
N LYS A 15 10.08 -27.59 -16.31
CA LYS A 15 9.57 -28.66 -17.16
C LYS A 15 8.43 -29.40 -16.47
N ASP A 16 8.22 -29.07 -15.18
CA ASP A 16 7.41 -29.86 -14.26
C ASP A 16 6.35 -28.91 -13.64
N LEU A 17 5.82 -28.02 -14.48
CA LEU A 17 4.52 -27.40 -14.19
C LEU A 17 3.41 -28.39 -14.41
N ASP A 18 2.53 -28.48 -13.44
CA ASP A 18 1.47 -29.44 -13.46
C ASP A 18 0.12 -28.73 -13.18
N ASP A 19 -0.51 -28.25 -14.24
CA ASP A 19 -1.82 -27.66 -14.13
C ASP A 19 -2.82 -28.58 -13.38
N SER A 20 -2.84 -29.84 -13.74
CA SER A 20 -3.91 -30.74 -13.27
CA SER A 20 -3.92 -30.71 -13.27
C SER A 20 -3.83 -30.94 -11.76
N ALA A 21 -2.60 -31.04 -11.22
CA ALA A 21 -2.47 -31.21 -9.78
C ALA A 21 -3.03 -29.95 -9.09
N VAL A 22 -2.75 -28.78 -9.63
CA VAL A 22 -3.17 -27.52 -8.99
C VAL A 22 -4.71 -27.43 -9.06
N ALA A 23 -5.25 -27.76 -10.22
CA ALA A 23 -6.70 -27.82 -10.40
C ALA A 23 -7.43 -28.72 -9.42
N ALA A 24 -6.87 -29.91 -9.21
CA ALA A 24 -7.43 -30.85 -8.26
C ALA A 24 -7.35 -30.30 -6.84
N PHE A 25 -6.26 -29.62 -6.49
CA PHE A 25 -6.06 -29.03 -5.17
C PHE A 25 -7.01 -27.85 -4.92
N LEU A 26 -7.24 -27.03 -5.93
CA LEU A 26 -8.01 -25.82 -5.72
C LEU A 26 -9.49 -25.99 -6.02
N LYS A 27 -9.88 -27.07 -6.67
CA LYS A 27 -11.28 -27.23 -7.11
C LYS A 27 -12.31 -26.90 -6.05
N ASP A 28 -13.16 -25.94 -6.36
CA ASP A 28 -14.29 -25.56 -5.54
C ASP A 28 -13.94 -25.10 -4.13
N LYS A 29 -12.71 -24.68 -3.87
CA LYS A 29 -12.32 -24.22 -2.56
C LYS A 29 -12.61 -22.72 -2.39
N VAL A 30 -12.90 -22.35 -1.15
CA VAL A 30 -12.84 -20.95 -0.73
C VAL A 30 -11.42 -20.73 -0.23
N VAL A 31 -10.72 -19.84 -0.92
CA VAL A 31 -9.31 -19.55 -0.71
C VAL A 31 -9.17 -18.07 -0.33
N LEU A 32 -8.46 -17.80 0.77
CA LEU A 32 -8.13 -16.44 1.17
C LEU A 32 -6.65 -16.18 0.87
N VAL A 33 -6.37 -15.11 0.12
CA VAL A 33 -5.00 -14.71 -0.19
C VAL A 33 -4.68 -13.44 0.61
N SER A 34 -3.74 -13.49 1.52
CA SER A 34 -3.29 -12.23 2.10
C SER A 34 -2.27 -11.57 1.20
N GLY A 35 -2.25 -10.23 1.17
CA GLY A 35 -1.34 -9.50 0.28
C GLY A 35 -1.79 -9.66 -1.14
N ALA A 36 -3.10 -9.83 -1.29
CA ALA A 36 -3.68 -10.19 -2.58
C ALA A 36 -3.38 -9.29 -3.75
N GLY A 37 -3.17 -8.00 -3.48
CA GLY A 37 -2.82 -7.11 -4.56
C GLY A 37 -1.34 -6.86 -4.83
N GLY A 38 -0.46 -7.62 -4.16
CA GLY A 38 0.98 -7.49 -4.40
C GLY A 38 1.40 -8.23 -5.66
N THR A 39 2.70 -8.20 -5.93
CA THR A 39 3.17 -8.89 -7.10
C THR A 39 2.77 -10.38 -7.05
N ILE A 40 3.13 -11.05 -5.97
CA ILE A 40 2.95 -12.48 -5.84
C ILE A 40 1.50 -12.78 -5.52
N GLY A 41 0.89 -11.99 -4.64
CA GLY A 41 -0.50 -12.23 -4.29
C GLY A 41 -1.42 -12.05 -5.46
N SER A 42 -1.16 -11.04 -6.27
CA SER A 42 -2.00 -10.83 -7.44
C SER A 42 -1.96 -12.06 -8.36
N GLU A 43 -0.77 -12.61 -8.53
CA GLU A 43 -0.61 -13.78 -9.42
C GLU A 43 -1.22 -14.99 -8.73
N LEU A 44 -1.11 -15.10 -7.41
CA LEU A 44 -1.83 -16.15 -6.72
C LEU A 44 -3.34 -16.09 -6.99
N CYS A 45 -3.90 -14.87 -6.97
CA CYS A 45 -5.35 -14.68 -7.14
C CYS A 45 -5.74 -15.13 -8.52
N LYS A 46 -4.95 -14.73 -9.51
CA LYS A 46 -5.30 -15.03 -10.88
C LYS A 46 -5.25 -16.55 -11.08
N GLN A 47 -4.22 -17.18 -10.49
CA GLN A 47 -4.09 -18.62 -10.71
C GLN A 47 -5.17 -19.39 -9.94
N CYS A 48 -5.54 -18.92 -8.75
CA CYS A 48 -6.68 -19.49 -8.05
C CYS A 48 -7.96 -19.47 -8.89
N ILE A 49 -8.23 -18.39 -9.59
CA ILE A 49 -9.42 -18.40 -10.45
C ILE A 49 -9.20 -19.33 -11.66
N LYS A 50 -8.02 -19.25 -12.27
CA LYS A 50 -7.70 -20.04 -13.44
C LYS A 50 -7.91 -21.54 -13.17
N PHE A 51 -7.54 -21.99 -11.95
CA PHE A 51 -7.51 -23.42 -11.63
C PHE A 51 -8.71 -23.86 -10.80
N GLY A 52 -9.74 -23.00 -10.72
CA GLY A 52 -11.08 -23.44 -10.42
C GLY A 52 -11.48 -23.37 -8.98
N ALA A 53 -10.88 -22.46 -8.21
CA ALA A 53 -11.40 -22.11 -6.90
C ALA A 53 -12.87 -21.65 -7.03
N LYS A 54 -13.60 -21.89 -5.96
CA LYS A 54 -15.00 -21.47 -5.92
C LYS A 54 -15.10 -19.98 -5.63
N HIS A 55 -14.31 -19.56 -4.64
CA HIS A 55 -14.43 -18.19 -4.18
C HIS A 55 -13.09 -17.70 -3.64
N LEU A 56 -12.73 -16.47 -4.00
CA LEU A 56 -11.48 -15.90 -3.58
C LEU A 56 -11.73 -14.70 -2.66
N ILE A 57 -11.16 -14.75 -1.47
CA ILE A 57 -11.18 -13.66 -0.55
C ILE A 57 -9.83 -12.94 -0.62
N MET A 58 -9.81 -11.71 -1.14
CA MET A 58 -8.57 -10.98 -1.41
C MET A 58 -8.34 -9.97 -0.28
N VAL A 59 -7.42 -10.29 0.60
CA VAL A 59 -7.07 -9.40 1.68
C VAL A 59 -5.81 -8.56 1.42
N ASP A 60 -5.95 -7.24 1.51
CA ASP A 60 -4.81 -6.37 1.39
C ASP A 60 -5.07 -5.06 2.12
N HIS A 61 -3.99 -4.47 2.66
CA HIS A 61 -4.10 -3.16 3.29
C HIS A 61 -3.88 -1.95 2.43
N SER A 62 -3.38 -2.19 1.23
CA SER A 62 -3.15 -1.10 0.29
C SER A 62 -4.39 -1.04 -0.59
N GLU A 63 -5.08 0.09 -0.50
CA GLU A 63 -6.35 0.23 -1.16
C GLU A 63 -6.11 0.20 -2.66
N TYR A 64 -5.05 0.87 -3.12
CA TYR A 64 -4.76 0.83 -4.56
C TYR A 64 -4.50 -0.61 -5.05
N ASN A 65 -3.60 -1.33 -4.40
CA ASN A 65 -3.31 -2.70 -4.80
C ASN A 65 -4.57 -3.57 -4.86
N LEU A 66 -5.43 -3.45 -3.84
CA LEU A 66 -6.68 -4.18 -3.81
C LEU A 66 -7.61 -3.78 -4.93
N TYR A 67 -7.79 -2.47 -5.09
CA TYR A 67 -8.54 -1.94 -6.20
C TYR A 67 -8.08 -2.59 -7.51
N LYS A 68 -6.77 -2.66 -7.71
CA LYS A 68 -6.23 -3.03 -8.98
C LYS A 68 -6.43 -4.50 -9.26
N ILE A 69 -6.16 -5.38 -8.30
CA ILE A 69 -6.38 -6.82 -8.51
C ILE A 69 -7.86 -7.14 -8.68
N ASN A 70 -8.71 -6.45 -7.91
CA ASN A 70 -10.16 -6.54 -8.08
C ASN A 70 -10.62 -6.15 -9.48
N ASP A 71 -10.06 -5.07 -10.00
CA ASP A 71 -10.33 -4.64 -11.37
C ASP A 71 -9.76 -5.61 -12.42
N ASP A 72 -8.52 -6.06 -12.21
CA ASP A 72 -7.88 -7.03 -13.09
C ASP A 72 -8.76 -8.25 -13.30
N LEU A 73 -9.49 -8.66 -12.27
CA LEU A 73 -10.29 -9.88 -12.25
C LEU A 73 -11.76 -9.60 -12.42
N ASN A 74 -12.05 -8.45 -13.02
CA ASN A 74 -13.43 -8.02 -13.29
C ASN A 74 -14.31 -9.05 -14.00
N LEU A 75 -13.73 -9.73 -14.98
CA LEU A 75 -14.47 -10.79 -15.69
C LEU A 75 -14.96 -11.86 -14.76
N TYR A 76 -14.34 -12.04 -13.59
CA TYR A 76 -14.72 -13.07 -12.65
C TYR A 76 -15.20 -12.49 -11.34
N LYS A 77 -15.82 -11.32 -11.41
CA LYS A 77 -16.13 -10.63 -10.19
C LYS A 77 -17.06 -11.35 -9.24
N GLU A 78 -17.95 -12.17 -9.77
CA GLU A 78 -18.87 -12.90 -8.89
C GLU A 78 -18.14 -13.90 -7.99
N LYS A 79 -16.91 -14.25 -8.37
CA LYS A 79 -16.12 -15.19 -7.55
C LYS A 79 -15.12 -14.56 -6.59
N ILE A 80 -15.06 -13.23 -6.51
CA ILE A 80 -14.03 -12.57 -5.71
C ILE A 80 -14.63 -11.54 -4.76
N THR A 81 -14.05 -11.40 -3.57
CA THR A 81 -14.49 -10.43 -2.57
C THR A 81 -13.29 -9.60 -2.12
N PRO A 82 -13.36 -8.27 -2.27
CA PRO A 82 -12.19 -7.45 -1.94
C PRO A 82 -12.25 -7.00 -0.48
N ILE A 83 -11.31 -7.47 0.33
CA ILE A 83 -11.32 -7.20 1.75
C ILE A 83 -10.17 -6.21 2.05
N LEU A 84 -10.55 -4.97 2.28
CA LEU A 84 -9.60 -3.91 2.62
C LEU A 84 -9.28 -3.97 4.09
N LEU A 85 -8.11 -4.50 4.45
CA LEU A 85 -7.85 -4.94 5.82
C LEU A 85 -6.37 -5.20 6.05
N SER A 86 -5.88 -4.78 7.21
CA SER A 86 -4.58 -5.21 7.68
C SER A 86 -4.73 -6.48 8.52
N ILE A 87 -3.89 -7.46 8.24
CA ILE A 87 -3.88 -8.68 9.01
C ILE A 87 -3.49 -8.43 10.45
N LEU A 88 -2.98 -7.24 10.79
CA LEU A 88 -2.76 -6.91 12.20
C LEU A 88 -4.06 -6.65 12.99
N ASP A 89 -5.19 -6.46 12.32
CA ASP A 89 -6.45 -6.22 13.04
C ASP A 89 -7.13 -7.58 13.28
N LYS A 90 -6.76 -8.21 14.40
CA LYS A 90 -7.13 -9.59 14.68
C LYS A 90 -8.66 -9.74 14.67
N GLN A 91 -9.34 -8.82 15.37
CA GLN A 91 -10.77 -8.93 15.56
C GLN A 91 -11.47 -8.91 14.21
N SER A 92 -11.07 -8.01 13.32
CA SER A 92 -11.78 -7.90 12.04
CA SER A 92 -11.74 -7.87 12.02
C SER A 92 -11.41 -9.09 11.14
N LEU A 93 -10.15 -9.53 11.20
CA LEU A 93 -9.72 -10.69 10.46
C LEU A 93 -10.51 -11.92 10.90
N ASP A 94 -10.65 -12.05 12.19
CA ASP A 94 -11.44 -13.12 12.71
C ASP A 94 -12.83 -13.17 12.14
N GLU A 95 -13.50 -12.03 12.03
CA GLU A 95 -14.84 -11.92 11.46
C GLU A 95 -14.85 -12.30 10.00
N VAL A 96 -13.79 -11.91 9.27
CA VAL A 96 -13.74 -12.27 7.84
C VAL A 96 -13.64 -13.78 7.73
N LEU A 97 -12.80 -14.39 8.55
CA LEU A 97 -12.61 -15.84 8.47
C LEU A 97 -13.90 -16.57 8.86
N LYS A 98 -14.65 -16.04 9.82
CA LYS A 98 -15.90 -16.71 10.21
C LYS A 98 -16.94 -16.55 9.15
N THR A 99 -16.93 -15.45 8.42
CA THR A 99 -17.96 -15.19 7.43
C THR A 99 -17.74 -16.04 6.21
N TYR A 100 -16.48 -16.19 5.80
CA TYR A 100 -16.17 -16.84 4.53
C TYR A 100 -15.66 -18.27 4.68
N LYS A 101 -15.15 -18.64 5.86
CA LYS A 101 -14.71 -20.01 6.11
C LYS A 101 -13.83 -20.56 4.99
N PRO A 102 -12.73 -19.85 4.68
CA PRO A 102 -11.81 -20.40 3.71
C PRO A 102 -11.21 -21.72 4.17
N GLU A 103 -10.99 -22.59 3.20
CA GLU A 103 -10.31 -23.87 3.40
C GLU A 103 -8.79 -23.81 3.22
N LEU A 104 -8.33 -22.76 2.56
CA LEU A 104 -6.92 -22.56 2.26
C LEU A 104 -6.56 -21.06 2.41
N ILE A 105 -5.42 -20.79 3.00
CA ILE A 105 -4.93 -19.45 3.13
C ILE A 105 -3.59 -19.49 2.47
N LEU A 106 -3.41 -18.56 1.53
CA LEU A 106 -2.12 -18.33 0.89
C LEU A 106 -1.64 -16.99 1.41
N HIS A 107 -0.59 -17.02 2.21
CA HIS A 107 -0.12 -15.89 2.99
C HIS A 107 1.08 -15.19 2.38
N ALA A 108 0.80 -14.16 1.58
CA ALA A 108 1.79 -13.41 0.81
C ALA A 108 1.94 -11.97 1.30
N ALA A 109 1.26 -11.60 2.40
CA ALA A 109 1.43 -10.24 2.92
C ALA A 109 2.71 -10.12 3.73
N ALA A 110 3.54 -9.13 3.43
CA ALA A 110 4.73 -8.84 4.27
C ALA A 110 5.37 -7.58 3.77
N TYR A 111 6.35 -7.11 4.54
CA TYR A 111 7.30 -6.14 4.09
C TYR A 111 8.54 -6.90 3.65
N LYS A 112 9.00 -6.64 2.41
CA LYS A 112 9.97 -7.48 1.75
C LYS A 112 11.28 -6.78 1.36
N HIS A 113 11.42 -5.47 1.57
CA HIS A 113 12.57 -4.70 1.10
C HIS A 113 13.69 -4.77 2.12
N VAL A 114 14.90 -5.16 1.73
CA VAL A 114 16.00 -5.16 2.68
C VAL A 114 16.24 -3.79 3.33
N PRO A 115 16.46 -2.74 2.53
CA PRO A 115 16.80 -1.44 3.12
C PRO A 115 15.68 -0.80 3.99
N LEU A 116 14.43 -0.88 3.53
CA LEU A 116 13.37 -0.31 4.35
C LEU A 116 13.22 -1.06 5.68
N CYS A 117 13.44 -2.36 5.69
CA CYS A 117 13.34 -3.11 6.92
C CYS A 117 14.55 -2.88 7.82
N GLU A 118 15.74 -2.70 7.24
CA GLU A 118 16.86 -2.22 8.00
C GLU A 118 16.56 -0.90 8.72
N GLN A 119 15.82 -0.03 8.04
CA GLN A 119 15.59 1.31 8.54
C GLN A 119 14.38 1.36 9.46
N ASN A 120 13.53 0.33 9.42
CA ASN A 120 12.28 0.34 10.18
C ASN A 120 12.09 -1.05 10.82
N PRO A 121 13.04 -1.50 11.64
CA PRO A 121 13.07 -2.90 12.08
C PRO A 121 11.85 -3.21 12.94
N HIS A 122 11.37 -2.25 13.71
CA HIS A 122 10.18 -2.49 14.50
C HIS A 122 8.97 -2.75 13.60
N SER A 123 8.80 -1.97 12.55
CA SER A 123 7.64 -2.22 11.71
C SER A 123 7.82 -3.55 10.96
N ALA A 124 9.04 -3.91 10.61
CA ALA A 124 9.29 -5.21 9.99
C ALA A 124 8.85 -6.39 10.89
N VAL A 125 9.22 -6.29 12.15
CA VAL A 125 8.79 -7.21 13.18
C VAL A 125 7.28 -7.28 13.35
N ILE A 126 6.62 -6.12 13.48
CA ILE A 126 5.19 -6.06 13.63
C ILE A 126 4.46 -6.60 12.41
N ASN A 127 4.83 -6.11 11.25
CA ASN A 127 4.07 -6.49 10.08
C ASN A 127 4.35 -7.93 9.63
N ASN A 128 5.59 -8.38 9.75
CA ASN A 128 5.93 -9.76 9.33
C ASN A 128 5.62 -10.82 10.41
N ILE A 129 6.24 -10.68 11.56
CA ILE A 129 6.11 -11.66 12.62
C ILE A 129 4.76 -11.59 13.29
N LEU A 130 4.36 -10.42 13.80
CA LEU A 130 3.08 -10.31 14.47
C LEU A 130 1.95 -10.51 13.50
N GLY A 131 2.08 -9.99 12.28
CA GLY A 131 1.01 -10.14 11.30
C GLY A 131 0.88 -11.60 10.94
N THR A 132 1.99 -12.30 10.78
CA THR A 132 1.90 -13.75 10.53
C THR A 132 1.27 -14.50 11.74
N LYS A 133 1.72 -14.20 12.94
CA LYS A 133 1.11 -14.81 14.10
C LYS A 133 -0.38 -14.65 14.14
N ILE A 134 -0.87 -13.43 13.90
CA ILE A 134 -2.29 -13.17 14.02
C ILE A 134 -3.05 -13.93 12.96
N LEU A 135 -2.54 -13.94 11.73
CA LEU A 135 -3.24 -14.60 10.66
C LEU A 135 -3.26 -16.13 10.84
N CYS A 136 -2.11 -16.66 11.24
CA CYS A 136 -1.93 -18.08 11.47
C CYS A 136 -2.78 -18.57 12.65
N ASP A 137 -2.75 -17.81 13.74
CA ASP A 137 -3.56 -18.14 14.91
C ASP A 137 -5.04 -18.13 14.55
N SER A 138 -5.47 -17.08 13.86
CA SER A 138 -6.88 -16.99 13.50
C SER A 138 -7.29 -18.09 12.53
N ALA A 139 -6.40 -18.42 11.59
CA ALA A 139 -6.68 -19.55 10.71
C ALA A 139 -6.87 -20.89 11.44
N LYS A 140 -5.99 -21.20 12.37
CA LYS A 140 -6.08 -22.46 13.10
C LYS A 140 -7.38 -22.47 13.94
N GLU A 141 -7.64 -21.36 14.63
CA GLU A 141 -8.80 -21.29 15.51
C GLU A 141 -10.05 -21.44 14.67
N ASN A 142 -10.01 -20.96 13.43
CA ASN A 142 -11.21 -21.02 12.62
C ASN A 142 -11.19 -22.21 11.69
N LYS A 143 -10.30 -23.17 11.93
CA LYS A 143 -10.36 -24.50 11.31
C LYS A 143 -10.15 -24.45 9.79
N VAL A 144 -9.37 -23.48 9.35
CA VAL A 144 -8.82 -23.47 7.99
C VAL A 144 -7.98 -24.75 7.89
N ALA A 145 -8.18 -25.56 6.84
CA ALA A 145 -7.49 -26.85 6.70
C ALA A 145 -6.01 -26.75 6.32
N LYS A 146 -5.64 -25.76 5.52
CA LYS A 146 -4.27 -25.68 5.01
C LYS A 146 -3.78 -24.23 4.89
N PHE A 147 -2.52 -23.98 5.26
CA PHE A 147 -2.02 -22.61 5.39
C PHE A 147 -0.69 -22.64 4.65
N VAL A 148 -0.53 -21.87 3.58
CA VAL A 148 0.74 -21.81 2.90
C VAL A 148 1.44 -20.49 3.12
N MET A 149 2.61 -20.49 3.75
CA MET A 149 3.40 -19.29 4.04
C MET A 149 4.34 -19.07 2.85
N ILE A 150 4.19 -17.95 2.15
CA ILE A 150 5.18 -17.52 1.16
C ILE A 150 6.41 -17.04 1.93
N SER A 151 7.52 -17.72 1.78
CA SER A 151 8.77 -17.30 2.41
C SER A 151 9.80 -16.90 1.35
N THR A 152 11.08 -16.93 1.74
CA THR A 152 12.12 -16.35 0.90
C THR A 152 13.43 -17.07 1.21
N ASN A 153 14.26 -17.22 0.20
CA ASN A 153 15.63 -17.71 0.44
C ASN A 153 16.39 -16.88 1.44
N ALA A 154 15.94 -15.63 1.69
CA ALA A 154 16.67 -14.74 2.60
C ALA A 154 16.49 -15.21 4.04
N ALA A 155 15.58 -16.14 4.27
CA ALA A 155 15.39 -16.71 5.62
C ALA A 155 16.56 -17.62 6.00
N VAL A 156 17.40 -17.97 5.05
CA VAL A 156 18.49 -18.92 5.27
C VAL A 156 19.73 -18.16 5.73
N ARG A 157 20.20 -18.44 6.94
CA ARG A 157 21.41 -17.79 7.45
C ARG A 157 21.27 -16.29 7.21
N PRO A 158 20.21 -15.69 7.78
CA PRO A 158 19.86 -14.33 7.37
C PRO A 158 20.94 -13.31 7.81
N THR A 159 21.15 -12.32 6.95
CA THR A 159 22.04 -11.20 7.27
C THR A 159 21.32 -9.85 7.38
N ASN A 160 20.01 -9.86 7.23
CA ASN A 160 19.26 -8.62 7.32
C ASN A 160 17.99 -8.82 8.11
N ILE A 161 17.42 -7.73 8.61
CA ILE A 161 16.23 -7.75 9.46
C ILE A 161 15.08 -8.42 8.74
N MET A 162 14.89 -8.07 7.48
CA MET A 162 13.76 -8.58 6.73
C MET A 162 13.80 -10.12 6.70
N GLY A 163 14.94 -10.65 6.27
CA GLY A 163 15.10 -12.09 6.13
C GLY A 163 14.98 -12.78 7.47
N CYS A 164 15.57 -12.17 8.49
CA CYS A 164 15.42 -12.74 9.81
C CYS A 164 13.95 -12.80 10.25
N THR A 165 13.17 -11.76 9.98
CA THR A 165 11.75 -11.75 10.34
C THR A 165 11.04 -12.89 9.59
N LYS A 166 11.38 -13.11 8.32
CA LYS A 166 10.75 -14.18 7.57
C LYS A 166 11.12 -15.55 8.13
N ARG A 167 12.35 -15.70 8.60
CA ARG A 167 12.71 -16.95 9.22
C ARG A 167 11.86 -17.19 10.49
N VAL A 168 11.56 -16.15 11.26
CA VAL A 168 10.80 -16.33 12.51
C VAL A 168 9.36 -16.76 12.14
N CYS A 169 8.82 -16.19 11.07
CA CYS A 169 7.53 -16.63 10.51
C CYS A 169 7.56 -18.10 10.07
N GLU A 170 8.64 -18.57 9.48
CA GLU A 170 8.76 -20.01 9.26
C GLU A 170 8.64 -20.81 10.57
N LEU A 171 9.44 -20.43 11.53
CA LEU A 171 9.43 -21.16 12.80
C LEU A 171 8.05 -21.15 13.40
N TYR A 172 7.36 -20.02 13.34
CA TYR A 172 6.03 -19.90 13.96
C TYR A 172 5.01 -20.76 13.24
N THR A 173 4.90 -20.62 11.93
CA THR A 173 3.84 -21.30 11.22
C THR A 173 3.99 -22.84 11.25
N LEU A 174 5.21 -23.32 11.06
CA LEU A 174 5.50 -24.73 11.03
C LEU A 174 5.26 -25.33 12.40
N SER A 175 5.52 -24.58 13.45
CA SER A 175 5.29 -25.09 14.79
C SER A 175 3.84 -25.14 15.20
N MET A 176 3.00 -24.45 14.46
CA MET A 176 1.55 -24.51 14.57
C MET A 176 0.91 -25.66 13.80
N SER A 177 1.62 -26.22 12.81
CA SER A 177 1.13 -27.34 11.98
C SER A 177 0.77 -28.57 12.81
N ASP A 178 -0.37 -29.19 12.52
CA ASP A 178 -0.70 -30.46 13.16
C ASP A 178 -1.63 -31.17 12.19
N GLU A 179 -2.25 -32.27 12.61
CA GLU A 179 -3.00 -33.07 11.65
C GLU A 179 -4.28 -32.36 11.16
N ASN A 180 -4.78 -31.37 11.90
CA ASN A 180 -5.96 -30.63 11.48
C ASN A 180 -5.64 -29.36 10.67
N PHE A 181 -4.44 -28.85 10.86
CA PHE A 181 -4.09 -27.51 10.36
C PHE A 181 -2.74 -27.73 9.74
N GLU A 182 -2.75 -27.93 8.43
CA GLU A 182 -1.53 -28.29 7.75
C GLU A 182 -0.87 -27.04 7.17
N VAL A 183 0.39 -26.86 7.56
CA VAL A 183 1.18 -25.68 7.21
C VAL A 183 2.28 -26.12 6.28
N ALA A 184 2.45 -25.41 5.18
CA ALA A 184 3.68 -25.46 4.40
C ALA A 184 4.28 -24.06 4.22
N CYS A 185 5.61 -23.95 4.26
CA CYS A 185 6.29 -22.73 3.86
C CYS A 185 6.92 -23.07 2.56
N VAL A 186 7.06 -22.06 1.71
CA VAL A 186 7.79 -22.20 0.47
C VAL A 186 8.84 -21.08 0.31
N ARG A 187 10.10 -21.46 0.21
CA ARG A 187 11.17 -20.53 0.00
C ARG A 187 11.50 -20.45 -1.48
N PHE A 188 11.67 -19.22 -1.96
CA PHE A 188 12.21 -19.00 -3.31
C PHE A 188 12.91 -17.65 -3.43
N GLY A 189 13.52 -17.39 -4.58
CA GLY A 189 14.39 -16.23 -4.74
C GLY A 189 13.70 -15.16 -5.56
N ASN A 190 14.49 -14.28 -6.17
CA ASN A 190 13.97 -13.05 -6.78
C ASN A 190 12.94 -13.31 -7.89
N VAL A 191 11.80 -12.63 -7.79
CA VAL A 191 10.78 -12.74 -8.78
C VAL A 191 11.01 -11.63 -9.79
N LEU A 192 11.29 -12.00 -11.01
CA LEU A 192 11.62 -11.03 -12.04
C LEU A 192 10.59 -9.93 -12.19
N GLY A 193 11.04 -8.69 -12.06
CA GLY A 193 10.13 -7.57 -12.32
C GLY A 193 9.14 -7.28 -11.21
N SER A 194 9.36 -7.83 -10.02
CA SER A 194 8.42 -7.59 -8.97
C SER A 194 8.49 -6.13 -8.47
N SER A 195 7.50 -5.78 -7.67
CA SER A 195 7.36 -4.41 -7.18
C SER A 195 8.63 -3.89 -6.51
N GLY A 196 9.06 -2.70 -6.88
CA GLY A 196 10.16 -2.07 -6.17
C GLY A 196 11.52 -2.73 -6.40
N SER A 197 11.64 -3.54 -7.45
CA SER A 197 12.81 -4.39 -7.64
C SER A 197 13.79 -3.81 -8.67
N VAL A 198 14.92 -4.49 -8.87
CA VAL A 198 16.00 -3.95 -9.69
C VAL A 198 15.62 -3.70 -11.15
N ILE A 199 14.85 -4.61 -11.71
CA ILE A 199 14.44 -4.41 -13.13
C ILE A 199 13.61 -3.12 -13.39
N PRO A 200 12.51 -2.92 -12.68
CA PRO A 200 11.82 -1.63 -12.86
C PRO A 200 12.70 -0.40 -12.56
N LYS A 201 13.63 -0.51 -11.59
CA LYS A 201 14.56 0.58 -11.26
C LYS A 201 15.48 0.90 -12.47
N PHE A 202 16.17 -0.10 -12.99
CA PHE A 202 16.92 0.07 -14.25
C PHE A 202 16.08 0.59 -15.43
N LYS A 203 14.88 0.05 -15.64
CA LYS A 203 14.05 0.61 -16.69
C LYS A 203 13.83 2.11 -16.49
N ALA A 204 13.55 2.56 -15.27
CA ALA A 204 13.30 3.98 -15.08
C ALA A 204 14.56 4.83 -15.28
N GLN A 205 15.73 4.30 -14.88
CA GLN A 205 16.97 5.05 -14.98
C GLN A 205 17.27 5.28 -16.46
N ILE A 206 17.08 4.22 -17.23
CA ILE A 206 17.20 4.25 -18.70
C ILE A 206 16.21 5.23 -19.36
N ALA A 207 14.93 5.14 -18.99
CA ALA A 207 13.92 6.02 -19.55
C ALA A 207 14.25 7.47 -19.22
N ASN A 208 14.99 7.68 -18.14
CA ASN A 208 15.33 9.00 -17.67
C ASN A 208 16.74 9.45 -17.97
N ASN A 209 17.45 8.72 -18.83
CA ASN A 209 18.83 9.01 -19.19
C ASN A 209 19.81 9.11 -18.05
N GLU A 210 19.66 8.21 -17.06
CA GLU A 210 20.48 8.20 -15.86
C GLU A 210 21.45 7.02 -16.00
N PRO A 211 22.65 7.14 -15.43
CA PRO A 211 23.49 5.97 -15.23
C PRO A 211 22.76 4.91 -14.40
N LEU A 212 22.99 3.64 -14.74
CA LEU A 212 22.47 2.55 -13.93
C LEU A 212 23.30 2.44 -12.68
N THR A 213 22.63 2.25 -11.56
CA THR A 213 23.31 2.11 -10.30
C THR A 213 23.40 0.64 -9.91
N LEU A 214 24.64 0.11 -9.96
CA LEU A 214 24.93 -1.28 -9.64
C LEU A 214 25.59 -1.31 -8.28
N THR A 215 25.02 -2.08 -7.36
CA THR A 215 25.57 -2.14 -6.03
C THR A 215 27.01 -2.67 -5.99
N HIS A 216 27.27 -3.76 -6.68
CA HIS A 216 28.59 -4.38 -6.67
C HIS A 216 28.84 -5.13 -7.97
N PRO A 217 30.04 -4.99 -8.56
CA PRO A 217 30.28 -5.64 -9.84
C PRO A 217 30.11 -7.17 -9.87
N ASP A 218 30.26 -7.82 -8.71
CA ASP A 218 30.20 -9.28 -8.61
C ASP A 218 28.87 -9.89 -8.14
N ILE A 219 27.93 -9.06 -7.74
CA ILE A 219 26.71 -9.52 -7.06
C ILE A 219 25.87 -10.34 -8.05
N VAL A 220 25.30 -11.44 -7.56
CA VAL A 220 24.40 -12.32 -8.37
C VAL A 220 23.09 -12.59 -7.64
N ARG A 221 22.08 -12.92 -8.42
CA ARG A 221 20.82 -13.31 -7.83
C ARG A 221 20.21 -14.43 -8.64
N TYR A 222 19.41 -15.25 -7.96
CA TYR A 222 18.60 -16.26 -8.63
C TYR A 222 17.26 -15.63 -9.01
N PHE A 223 16.76 -15.94 -10.20
CA PHE A 223 15.55 -15.30 -10.68
C PHE A 223 14.55 -16.33 -11.21
N MET A 224 13.27 -15.99 -11.14
CA MET A 224 12.23 -16.72 -11.84
C MET A 224 11.04 -15.80 -12.08
N LEU A 225 10.20 -16.18 -13.03
CA LEU A 225 8.97 -15.45 -13.33
C LEU A 225 7.93 -15.65 -12.27
N VAL A 226 7.09 -14.64 -12.07
CA VAL A 226 6.06 -14.74 -11.08
C VAL A 226 5.13 -15.94 -11.34
N ALA A 227 4.81 -16.22 -12.60
CA ALA A 227 3.84 -17.32 -12.88
C ALA A 227 4.43 -18.67 -12.50
N GLU A 228 5.76 -18.75 -12.58
CA GLU A 228 6.47 -20.00 -12.32
C GLU A 228 6.54 -20.20 -10.83
N ALA A 229 6.90 -19.15 -10.10
CA ALA A 229 7.04 -19.28 -8.64
C ALA A 229 5.70 -19.62 -8.05
N VAL A 230 4.67 -18.92 -8.52
CA VAL A 230 3.33 -19.07 -7.99
C VAL A 230 2.79 -20.47 -8.28
N GLN A 231 2.86 -20.93 -9.51
CA GLN A 231 2.35 -22.28 -9.75
C GLN A 231 3.11 -23.35 -8.95
N LEU A 232 4.43 -23.20 -8.83
CA LEU A 232 5.20 -24.13 -8.03
C LEU A 232 4.80 -24.06 -6.56
N VAL A 233 4.53 -22.87 -6.04
CA VAL A 233 4.04 -22.76 -4.68
C VAL A 233 2.73 -23.53 -4.56
N LEU A 234 1.86 -23.44 -5.56
CA LEU A 234 0.55 -24.11 -5.48
C LEU A 234 0.69 -25.61 -5.58
N GLN A 235 1.66 -26.06 -6.35
CA GLN A 235 1.96 -27.50 -6.43
C GLN A 235 2.51 -28.03 -5.10
N ALA A 236 3.41 -27.25 -4.49
CA ALA A 236 3.90 -27.59 -3.17
C ALA A 236 2.77 -27.66 -2.16
N GLY A 237 1.90 -26.67 -2.19
CA GLY A 237 0.74 -26.73 -1.28
C GLY A 237 -0.14 -27.93 -1.53
N ALA A 238 -0.33 -28.29 -2.80
CA ALA A 238 -1.09 -29.50 -3.16
C ALA A 238 -0.52 -30.82 -2.61
N ILE A 239 0.79 -30.96 -2.55
CA ILE A 239 1.39 -32.24 -2.17
C ILE A 239 1.68 -32.20 -0.67
N ALA A 240 1.55 -31.06 -0.02
CA ALA A 240 1.94 -30.97 1.39
C ALA A 240 1.01 -31.79 2.29
N LYS A 241 1.60 -32.39 3.32
CA LYS A 241 0.86 -33.13 4.35
C LYS A 241 0.90 -32.41 5.67
N GLY A 242 1.65 -31.32 5.72
CA GLY A 242 1.72 -30.48 6.92
C GLY A 242 3.13 -30.55 7.45
N GLY A 243 3.71 -29.39 7.70
CA GLY A 243 5.02 -29.29 8.36
C GLY A 243 6.15 -29.19 7.36
N GLU A 244 5.88 -29.11 6.06
CA GLU A 244 6.98 -29.10 5.10
C GLU A 244 7.53 -27.68 4.94
N LEU A 245 8.86 -27.55 4.92
CA LEU A 245 9.50 -26.31 4.52
C LEU A 245 10.01 -26.60 3.10
N PHE A 246 9.27 -26.18 2.09
CA PHE A 246 9.70 -26.39 0.70
C PHE A 246 10.66 -25.32 0.20
N VAL A 247 11.45 -25.68 -0.81
CA VAL A 247 12.36 -24.76 -1.49
C VAL A 247 12.31 -25.04 -2.98
N LEU A 248 12.27 -23.99 -3.79
CA LEU A 248 12.23 -24.14 -5.25
C LEU A 248 13.59 -24.08 -5.90
N ASP A 249 13.76 -24.87 -6.94
CA ASP A 249 14.98 -24.84 -7.71
C ASP A 249 14.78 -23.76 -8.74
N MET A 250 15.76 -22.89 -8.84
CA MET A 250 15.69 -21.71 -9.66
C MET A 250 16.72 -21.60 -10.74
N GLY A 251 17.54 -22.64 -10.89
CA GLY A 251 18.50 -22.65 -11.94
C GLY A 251 19.71 -21.80 -11.63
N LYS A 252 20.33 -21.32 -12.68
CA LYS A 252 21.63 -20.67 -12.57
C LYS A 252 21.46 -19.25 -12.07
N PRO A 253 22.36 -18.74 -11.23
CA PRO A 253 22.22 -17.34 -10.82
C PRO A 253 22.67 -16.43 -11.92
N VAL A 254 22.33 -15.15 -11.83
CA VAL A 254 22.59 -14.16 -12.87
C VAL A 254 23.36 -13.02 -12.23
N LYS A 255 24.43 -12.62 -12.90
CA LYS A 255 25.19 -11.45 -12.46
C LYS A 255 24.35 -10.20 -12.77
N ILE A 256 24.19 -9.34 -11.77
CA ILE A 256 23.41 -8.13 -11.94
C ILE A 256 24.12 -7.24 -12.96
N ILE A 257 25.45 -7.24 -13.00
CA ILE A 257 26.12 -6.50 -14.03
C ILE A 257 25.71 -6.95 -15.45
N ASP A 258 25.53 -8.26 -15.62
CA ASP A 258 25.12 -8.79 -16.92
C ASP A 258 23.68 -8.46 -17.22
N LEU A 259 22.85 -8.42 -16.18
CA LEU A 259 21.47 -7.93 -16.34
C LEU A 259 21.43 -6.45 -16.75
N ALA A 260 22.24 -5.63 -16.09
CA ALA A 260 22.33 -4.22 -16.46
C ALA A 260 22.78 -4.09 -17.93
N LYS A 261 23.88 -4.75 -18.26
CA LYS A 261 24.43 -4.67 -19.61
C LYS A 261 23.41 -5.07 -20.63
N LYS A 262 22.70 -6.16 -20.35
CA LYS A 262 21.68 -6.69 -21.24
C LYS A 262 20.50 -5.74 -21.38
N MET A 263 20.10 -5.12 -20.27
CA MET A 263 19.07 -4.09 -20.41
C MET A 263 19.50 -2.93 -21.34
N LEU A 264 20.73 -2.49 -21.19
CA LEU A 264 21.24 -1.38 -21.98
C LEU A 264 21.35 -1.80 -23.46
N LEU A 265 21.76 -3.03 -23.68
CA LEU A 265 21.82 -3.57 -25.02
C LEU A 265 20.44 -3.67 -25.64
N LEU A 266 19.44 -4.14 -24.89
CA LEU A 266 18.08 -4.29 -25.43
C LEU A 266 17.38 -2.98 -25.72
N SER A 267 17.61 -1.95 -24.93
CA SER A 267 17.07 -0.64 -25.28
C SER A 267 18.07 0.23 -26.08
N ASN A 268 19.20 -0.32 -26.53
CA ASN A 268 20.21 0.38 -27.33
C ASN A 268 20.71 1.67 -26.70
N ARG A 269 21.06 1.58 -25.42
CA ARG A 269 21.51 2.75 -24.68
C ARG A 269 22.85 2.40 -24.06
N ASN A 270 23.75 1.85 -24.86
CA ASN A 270 25.10 1.60 -24.36
C ASN A 270 25.87 2.89 -24.16
N ASP A 271 25.33 4.00 -24.65
CA ASP A 271 25.78 5.32 -24.22
C ASP A 271 25.71 5.57 -22.70
N LEU A 272 24.84 4.87 -21.96
CA LEU A 272 24.79 5.05 -20.51
C LEU A 272 25.89 4.31 -19.77
N GLU A 273 26.33 4.92 -18.66
CA GLU A 273 27.34 4.43 -17.74
C GLU A 273 26.65 3.47 -16.73
N ILE A 274 27.39 2.50 -16.23
CA ILE A 274 26.96 1.67 -15.12
C ILE A 274 27.86 2.13 -13.97
N LYS A 275 27.23 2.69 -12.96
CA LYS A 275 27.95 3.30 -11.83
C LYS A 275 27.86 2.34 -10.65
N ILE A 276 28.99 2.13 -9.98
CA ILE A 276 29.04 1.24 -8.85
C ILE A 276 28.78 2.06 -7.59
N THR A 277 27.76 1.69 -6.83
CA THR A 277 27.33 2.55 -5.74
C THR A 277 27.52 1.94 -4.37
N GLY A 278 27.89 0.65 -4.28
CA GLY A 278 28.19 -0.03 -3.03
C GLY A 278 27.09 -0.95 -2.52
N LEU A 279 27.49 -2.03 -1.85
CA LEU A 279 26.46 -2.92 -1.31
C LEU A 279 25.57 -2.14 -0.37
N ARG A 280 24.30 -2.52 -0.29
CA ARG A 280 23.38 -1.91 0.64
C ARG A 280 23.49 -2.66 1.96
N LYS A 281 23.29 -1.99 3.07
CA LYS A 281 23.37 -2.66 4.36
C LYS A 281 22.43 -3.88 4.43
N GLY A 282 22.99 -4.98 4.93
CA GLY A 282 22.24 -6.23 5.09
C GLY A 282 22.28 -7.15 3.88
N GLU A 283 22.87 -6.69 2.79
CA GLU A 283 22.73 -7.37 1.51
C GLU A 283 23.80 -8.46 1.33
N LYS A 284 23.48 -9.61 0.75
CA LYS A 284 24.50 -10.63 0.49
C LYS A 284 24.99 -10.54 -0.97
N LEU A 285 26.25 -10.93 -1.21
CA LEU A 285 26.80 -10.98 -2.57
C LEU A 285 26.26 -12.12 -3.44
N TYR A 286 26.12 -13.31 -2.84
CA TYR A 286 25.80 -14.51 -3.63
C TYR A 286 24.60 -15.30 -3.11
N GLU A 287 23.84 -14.68 -2.21
CA GLU A 287 22.78 -15.34 -1.46
C GLU A 287 23.37 -16.63 -0.89
N GLU A 288 22.72 -17.77 -1.07
CA GLU A 288 23.09 -19.05 -0.45
C GLU A 288 22.83 -20.15 -1.47
N LEU A 289 23.56 -21.25 -1.32
CA LEU A 289 23.22 -22.50 -1.96
C LEU A 289 21.70 -22.75 -1.93
N LEU A 290 21.05 -22.98 -3.07
CA LEU A 290 19.59 -23.14 -3.08
C LEU A 290 19.13 -24.45 -2.43
N ILE A 291 19.68 -25.58 -2.93
CA ILE A 291 19.21 -26.91 -2.54
C ILE A 291 20.36 -27.64 -1.84
N ASP A 292 20.20 -27.96 -0.56
CA ASP A 292 21.18 -28.76 0.15
C ASP A 292 21.18 -30.15 -0.50
N GLU A 293 22.36 -30.72 -0.69
CA GLU A 293 22.44 -31.98 -1.48
C GLU A 293 21.62 -33.13 -0.83
N ASN A 294 21.43 -33.03 0.50
CA ASN A 294 20.47 -33.85 1.21
C ASN A 294 18.98 -33.42 1.42
N ASP A 295 18.56 -32.18 1.16
CA ASP A 295 17.11 -31.85 1.14
C ASP A 295 16.38 -32.97 0.40
N ALA A 296 15.13 -33.29 0.73
CA ALA A 296 14.49 -34.45 0.14
C ALA A 296 13.91 -34.10 -1.23
N LYS A 297 13.87 -35.01 -2.19
CA LYS A 297 13.22 -34.74 -3.45
C LYS A 297 11.72 -34.85 -3.23
N THR A 298 10.96 -34.35 -4.20
CA THR A 298 9.55 -34.55 -4.21
C THR A 298 9.30 -35.08 -5.60
N GLN A 299 8.04 -35.31 -5.92
CA GLN A 299 7.59 -35.75 -7.22
CA GLN A 299 7.69 -35.78 -7.23
C GLN A 299 7.89 -34.73 -8.30
N TYR A 300 8.12 -33.47 -7.92
CA TYR A 300 8.46 -32.46 -8.92
C TYR A 300 9.92 -32.15 -8.80
N GLU A 301 10.55 -31.98 -9.94
CA GLU A 301 11.97 -31.79 -9.93
C GLU A 301 12.35 -30.36 -9.53
N SER A 302 11.42 -29.40 -9.59
CA SER A 302 11.72 -28.03 -9.17
C SER A 302 11.43 -27.81 -7.69
N ILE A 303 10.95 -28.80 -6.97
CA ILE A 303 10.52 -28.58 -5.58
C ILE A 303 11.18 -29.59 -4.67
N PHE A 304 11.86 -29.10 -3.63
CA PHE A 304 12.51 -29.92 -2.61
C PHE A 304 11.99 -29.59 -1.22
N VAL A 305 12.21 -30.47 -0.26
CA VAL A 305 11.88 -30.24 1.16
C VAL A 305 13.14 -30.08 2.00
N ALA A 306 13.25 -28.95 2.69
CA ALA A 306 14.44 -28.61 3.46
C ALA A 306 14.17 -29.10 4.87
N LYS A 307 15.23 -29.49 5.55
CA LYS A 307 15.12 -29.93 6.94
C LYS A 307 14.61 -28.82 7.86
N ASN A 308 13.73 -29.14 8.81
CA ASN A 308 13.33 -28.17 9.82
C ASN A 308 12.75 -28.86 11.05
N GLU A 309 13.17 -28.43 12.24
CA GLU A 309 12.55 -28.93 13.47
C GLU A 309 11.61 -27.90 14.10
N LYS A 310 10.48 -28.36 14.59
CA LYS A 310 9.59 -27.54 15.39
C LYS A 310 10.36 -26.91 16.55
N VAL A 311 9.88 -25.76 16.98
CA VAL A 311 10.40 -25.18 18.20
C VAL A 311 9.20 -25.19 19.13
N ASP A 312 9.46 -25.02 20.43
CA ASP A 312 8.38 -24.91 21.41
C ASP A 312 7.66 -23.58 21.19
N LEU A 313 6.35 -23.63 20.91
CA LEU A 313 5.55 -22.41 20.83
C LEU A 313 5.46 -21.59 22.11
N ASP A 314 5.39 -22.24 23.26
CA ASP A 314 5.50 -21.54 24.53
C ASP A 314 6.71 -20.63 24.46
N TRP A 315 7.87 -21.17 24.15
CA TRP A 315 9.08 -20.35 24.08
C TRP A 315 8.97 -19.22 23.04
N LEU A 316 8.55 -19.60 21.84
CA LEU A 316 8.53 -18.66 20.73
C LEU A 316 7.55 -17.53 21.01
N ASN A 317 6.38 -17.84 21.55
CA ASN A 317 5.41 -16.79 21.87
C ASN A 317 5.95 -15.76 22.83
N LYS A 318 6.78 -16.21 23.75
CA LYS A 318 7.31 -15.28 24.72
C LYS A 318 8.46 -14.47 24.09
N GLU A 319 9.27 -15.09 23.22
CA GLU A 319 10.23 -14.33 22.45
C GLU A 319 9.57 -13.28 21.53
N ILE A 320 8.46 -13.64 20.92
CA ILE A 320 7.71 -12.68 20.12
C ILE A 320 7.18 -11.52 20.96
N GLU A 321 6.72 -11.77 22.18
CA GLU A 321 6.35 -10.66 23.04
C GLU A 321 7.58 -9.80 23.30
N ASN A 322 8.70 -10.42 23.64
CA ASN A 322 9.92 -9.65 23.86
C ASN A 322 10.33 -8.76 22.67
N LEU A 323 10.17 -9.28 21.45
CA LEU A 323 10.43 -8.48 20.25
C LEU A 323 9.67 -7.16 20.19
N GLN A 324 8.45 -7.14 20.72
CA GLN A 324 7.66 -5.93 20.74
C GLN A 324 8.01 -4.94 21.86
N ILE A 325 8.97 -5.23 22.71
CA ILE A 325 9.28 -4.43 23.90
C ILE A 325 10.77 -4.10 23.96
N CYS A 326 11.61 -4.91 23.34
CA CYS A 326 13.05 -4.86 23.60
C CYS A 326 13.71 -3.57 23.16
N GLU A 327 14.91 -3.30 23.70
CA GLU A 327 15.74 -2.16 23.31
C GLU A 327 16.23 -2.33 21.88
N ASP A 328 16.54 -3.58 21.54
CA ASP A 328 17.46 -3.84 20.45
C ASP A 328 16.95 -5.05 19.69
N ILE A 329 16.28 -4.75 18.59
CA ILE A 329 15.60 -5.76 17.81
C ILE A 329 16.56 -6.79 17.30
N SER A 330 17.73 -6.35 16.88
CA SER A 330 18.68 -7.22 16.24
C SER A 330 19.16 -8.29 17.23
N GLU A 331 19.49 -7.85 18.44
CA GLU A 331 19.90 -8.77 19.50
C GLU A 331 18.75 -9.70 19.84
N ALA A 332 17.52 -9.16 19.90
CA ALA A 332 16.35 -9.99 20.23
C ALA A 332 16.09 -11.07 19.16
N LEU A 333 16.27 -10.70 17.90
CA LEU A 333 16.15 -11.63 16.82
C LEU A 333 17.20 -12.76 16.90
N LEU A 334 18.43 -12.41 17.24
CA LEU A 334 19.53 -13.38 17.41
C LEU A 334 19.25 -14.46 18.44
N LYS A 335 18.59 -14.10 19.52
CA LYS A 335 18.03 -15.07 20.47
C LYS A 335 17.11 -16.13 19.81
N ILE A 336 16.30 -15.72 18.85
CA ILE A 336 15.38 -16.67 18.22
C ILE A 336 16.09 -17.41 17.10
N VAL A 337 16.99 -16.75 16.39
CA VAL A 337 17.51 -17.30 15.16
C VAL A 337 19.02 -17.20 15.34
N PRO A 338 19.65 -18.24 15.89
CA PRO A 338 21.03 -18.02 16.31
C PRO A 338 22.00 -17.97 15.14
N GLU A 339 21.59 -18.40 13.94
CA GLU A 339 22.42 -18.22 12.74
C GLU A 339 22.38 -16.81 12.13
N PHE A 340 21.62 -15.90 12.71
CA PHE A 340 21.49 -14.54 12.20
C PHE A 340 22.79 -13.77 12.42
N LYS A 341 23.34 -13.27 11.32
CA LYS A 341 24.58 -12.50 11.32
C LYS A 341 24.32 -11.14 10.74
N HIS A 342 24.04 -10.19 11.60
CA HIS A 342 23.50 -8.96 11.10
C HIS A 342 24.61 -8.03 10.64
N ASN A 343 24.76 -7.95 9.31
CA ASN A 343 25.35 -6.80 8.64
C ASN A 343 24.59 -5.49 8.97
N SER B 5 -2.18 16.49 -24.17
CA SER B 5 -2.63 15.65 -22.99
C SER B 5 -4.02 16.01 -22.42
N ILE B 6 -4.77 14.96 -22.04
CA ILE B 6 -6.09 15.11 -21.38
C ILE B 6 -5.96 15.84 -20.06
N GLU B 7 -4.88 15.54 -19.30
CA GLU B 7 -4.49 16.25 -18.08
C GLU B 7 -4.35 17.73 -18.41
N ASP B 8 -3.48 18.01 -19.38
CA ASP B 8 -3.28 19.38 -19.82
C ASP B 8 -4.58 20.10 -20.11
N LEU B 9 -5.47 19.45 -20.86
CA LEU B 9 -6.76 20.05 -21.27
C LEU B 9 -7.72 20.44 -20.13
N LEU B 10 -7.73 19.62 -19.09
CA LEU B 10 -8.62 19.85 -17.96
C LEU B 10 -7.93 20.52 -16.77
N ALA B 11 -6.66 20.90 -16.95
CA ALA B 11 -5.86 21.56 -15.91
C ALA B 11 -6.60 22.85 -15.52
N ARG B 12 -6.58 23.16 -14.23
CA ARG B 12 -7.20 24.41 -13.71
C ARG B 12 -6.38 25.68 -14.06
N LYS B 13 -5.06 25.53 -14.15
CA LYS B 13 -4.13 26.65 -14.43
C LYS B 13 -4.45 27.92 -13.62
N PRO B 14 -4.62 27.79 -12.28
CA PRO B 14 -5.07 28.95 -11.49
C PRO B 14 -3.99 30.03 -11.51
N LYS B 15 -4.45 31.28 -11.50
CA LYS B 15 -3.57 32.44 -11.74
C LYS B 15 -2.93 32.91 -10.44
N ASP B 16 -3.41 32.36 -9.33
CA ASP B 16 -2.98 32.78 -7.99
C ASP B 16 -2.11 31.69 -7.30
N LEU B 17 -1.26 30.99 -8.08
CA LEU B 17 -0.20 30.21 -7.43
C LEU B 17 0.90 31.13 -6.93
N ASP B 18 1.25 30.94 -5.67
CA ASP B 18 2.19 31.81 -4.99
C ASP B 18 3.36 31.00 -4.43
N ASP B 19 4.41 30.86 -5.23
CA ASP B 19 5.59 30.14 -4.79
C ASP B 19 6.21 30.75 -3.53
N SER B 20 6.27 32.10 -3.50
CA SER B 20 7.02 32.74 -2.45
CA SER B 20 6.98 32.81 -2.47
C SER B 20 6.31 32.56 -1.13
N ALA B 21 4.99 32.54 -1.14
CA ALA B 21 4.30 32.35 0.10
C ALA B 21 4.55 30.94 0.68
N VAL B 22 4.57 29.92 -0.20
CA VAL B 22 4.83 28.54 0.22
C VAL B 22 6.30 28.43 0.71
N ALA B 23 7.22 29.02 -0.01
CA ALA B 23 8.62 29.05 0.47
C ALA B 23 8.74 29.62 1.87
N ALA B 24 8.11 30.77 2.12
CA ALA B 24 8.21 31.35 3.43
C ALA B 24 7.58 30.49 4.50
N PHE B 25 6.45 29.86 4.20
CA PHE B 25 5.79 28.95 5.13
C PHE B 25 6.65 27.71 5.41
N LEU B 26 7.32 27.15 4.42
CA LEU B 26 8.03 25.88 4.62
C LEU B 26 9.53 25.99 4.95
N LYS B 27 10.10 27.18 4.79
CA LYS B 27 11.57 27.35 4.98
C LYS B 27 12.11 26.77 6.29
N ASP B 28 13.11 25.91 6.15
CA ASP B 28 13.79 25.20 7.22
C ASP B 28 12.92 24.46 8.20
N LYS B 29 11.72 24.04 7.79
CA LYS B 29 10.86 23.26 8.63
C LYS B 29 11.13 21.78 8.54
N VAL B 30 10.97 21.13 9.67
CA VAL B 30 10.84 19.69 9.72
C VAL B 30 9.34 19.42 9.53
N VAL B 31 9.05 18.70 8.46
CA VAL B 31 7.70 18.43 8.02
C VAL B 31 7.53 16.92 7.95
N LEU B 32 6.38 16.46 8.42
CA LEU B 32 6.00 15.06 8.33
C LEU B 32 4.76 15.01 7.47
N VAL B 33 4.78 14.12 6.48
CA VAL B 33 3.70 13.87 5.53
C VAL B 33 3.23 12.47 5.76
N SER B 34 1.98 12.31 6.17
CA SER B 34 1.35 10.99 6.20
C SER B 34 0.78 10.64 4.83
N GLY B 35 0.89 9.37 4.47
CA GLY B 35 0.50 8.96 3.14
C GLY B 35 1.47 9.51 2.15
N ALA B 36 2.74 9.58 2.52
CA ALA B 36 3.76 10.27 1.75
C ALA B 36 3.93 9.73 0.37
N GLY B 37 3.61 8.45 0.19
CA GLY B 37 3.82 7.79 -1.10
C GLY B 37 2.60 7.68 -2.00
N GLY B 38 1.47 8.23 -1.54
CA GLY B 38 0.23 8.35 -2.31
C GLY B 38 0.30 9.37 -3.45
N THR B 39 -0.76 9.51 -4.23
CA THR B 39 -0.77 10.50 -5.30
C THR B 39 -0.50 11.88 -4.69
N ILE B 40 -1.32 12.25 -3.72
CA ILE B 40 -1.28 13.57 -3.13
C ILE B 40 -0.07 13.74 -2.19
N GLY B 41 0.17 12.72 -1.37
CA GLY B 41 1.30 12.71 -0.47
C GLY B 41 2.62 12.85 -1.17
N SER B 42 2.78 12.16 -2.29
N SER B 42 2.78 12.14 -2.28
CA SER B 42 4.05 12.22 -3.01
CA SER B 42 4.00 12.22 -3.05
C SER B 42 4.30 13.62 -3.58
C SER B 42 4.28 13.64 -3.52
N GLU B 43 3.25 14.24 -4.09
CA GLU B 43 3.35 15.62 -4.55
C GLU B 43 3.58 16.57 -3.36
N LEU B 44 2.95 16.35 -2.21
CA LEU B 44 3.33 17.15 -1.05
C LEU B 44 4.81 17.05 -0.74
N CYS B 45 5.32 15.83 -0.77
CA CYS B 45 6.71 15.57 -0.51
C CYS B 45 7.62 16.36 -1.44
N LYS B 46 7.31 16.26 -2.73
CA LYS B 46 8.12 16.89 -3.73
C LYS B 46 8.09 18.42 -3.53
N GLN B 47 6.93 18.96 -3.20
CA GLN B 47 6.81 20.41 -3.05
C GLN B 47 7.46 20.92 -1.77
N CYS B 48 7.38 20.14 -0.68
CA CYS B 48 8.12 20.42 0.55
C CYS B 48 9.61 20.53 0.29
N ILE B 49 10.17 19.62 -0.47
CA ILE B 49 11.57 19.77 -0.85
C ILE B 49 11.82 20.98 -1.76
N LYS B 50 10.99 21.12 -2.78
CA LYS B 50 11.16 22.22 -3.74
C LYS B 50 11.15 23.58 -3.05
N PHE B 51 10.29 23.73 -2.05
CA PHE B 51 10.07 25.02 -1.42
C PHE B 51 10.85 25.20 -0.11
N GLY B 52 11.84 24.34 0.13
CA GLY B 52 12.95 24.55 1.06
C GLY B 52 12.75 24.02 2.46
N ALA B 53 11.91 23.00 2.67
CA ALA B 53 11.81 22.40 4.00
C ALA B 53 13.19 21.84 4.39
N LYS B 54 13.51 21.79 5.70
CA LYS B 54 14.81 21.29 6.11
C LYS B 54 14.86 19.78 6.05
N HIS B 55 13.80 19.14 6.54
CA HIS B 55 13.75 17.69 6.78
CA HIS B 55 13.76 17.71 6.61
C HIS B 55 12.33 17.21 6.52
N LEU B 56 12.17 16.14 5.74
CA LEU B 56 10.87 15.57 5.43
C LEU B 56 10.81 14.18 6.03
N ILE B 57 9.85 13.97 6.92
CA ILE B 57 9.58 12.66 7.46
C ILE B 57 8.42 12.07 6.64
N MET B 58 8.66 10.99 5.91
CA MET B 58 7.69 10.39 5.01
C MET B 58 7.11 9.13 5.67
N VAL B 59 5.85 9.22 6.05
CA VAL B 59 5.16 8.12 6.71
C VAL B 59 4.16 7.49 5.70
N ASP B 60 4.29 6.17 5.51
CA ASP B 60 3.34 5.42 4.72
C ASP B 60 3.35 3.94 5.14
N HIS B 61 2.16 3.31 5.16
CA HIS B 61 2.07 1.89 5.42
C HIS B 61 2.32 0.99 4.22
N SER B 62 2.37 1.58 3.02
CA SER B 62 2.57 0.79 1.81
C SER B 62 4.03 0.84 1.47
N GLU B 63 4.66 -0.34 1.43
CA GLU B 63 6.10 -0.39 1.36
C GLU B 63 6.51 0.04 -0.05
N TYR B 64 5.80 -0.40 -1.08
CA TYR B 64 6.14 0.06 -2.44
C TYR B 64 5.95 1.60 -2.57
N ASN B 65 4.83 2.15 -2.08
CA ASN B 65 4.62 3.60 -2.16
C ASN B 65 5.74 4.38 -1.49
N LEU B 66 6.18 3.90 -0.32
CA LEU B 66 7.26 4.52 0.42
C LEU B 66 8.59 4.41 -0.33
N TYR B 67 8.85 3.22 -0.86
CA TYR B 67 10.06 2.96 -1.62
C TYR B 67 10.13 3.96 -2.79
N LYS B 68 8.98 4.14 -3.43
CA LYS B 68 8.93 4.84 -4.70
C LYS B 68 9.17 6.34 -4.49
N ILE B 69 8.56 6.91 -3.46
CA ILE B 69 8.73 8.33 -3.19
C ILE B 69 10.14 8.58 -2.65
N ASN B 70 10.65 7.72 -1.77
CA ASN B 70 12.05 7.75 -1.37
C ASN B 70 12.95 7.76 -2.61
N ASP B 71 12.67 6.90 -3.57
CA ASP B 71 13.47 6.79 -4.76
C ASP B 71 13.37 8.03 -5.65
N ASP B 72 12.16 8.51 -5.85
CA ASP B 72 11.93 9.75 -6.60
C ASP B 72 12.78 10.91 -6.04
N LEU B 73 12.97 10.97 -4.73
CA LEU B 73 13.64 12.08 -4.07
C LEU B 73 15.09 11.80 -3.76
N ASN B 74 15.66 10.87 -4.51
CA ASN B 74 16.94 10.37 -4.11
C ASN B 74 18.04 11.44 -4.20
N LEU B 75 17.89 12.44 -5.07
CA LEU B 75 18.79 13.58 -5.05
C LEU B 75 18.75 14.37 -3.75
N TYR B 76 17.73 14.17 -2.92
CA TYR B 76 17.62 14.91 -1.68
C TYR B 76 17.66 13.97 -0.51
N LYS B 77 18.34 12.86 -0.71
CA LYS B 77 18.21 11.84 0.28
C LYS B 77 18.64 12.27 1.65
N GLU B 78 19.59 13.20 1.77
CA GLU B 78 20.03 13.68 3.09
C GLU B 78 18.93 14.43 3.83
N LYS B 79 17.93 14.91 3.12
CA LYS B 79 16.83 15.65 3.76
C LYS B 79 15.56 14.87 4.00
N ILE B 80 15.56 13.58 3.71
CA ILE B 80 14.32 12.80 3.84
C ILE B 80 14.54 11.51 4.63
N THR B 81 13.50 11.03 5.32
CA THR B 81 13.57 9.84 6.13
C THR B 81 12.32 9.03 5.88
N PRO B 82 12.49 7.81 5.33
CA PRO B 82 11.32 6.98 5.01
C PRO B 82 10.89 6.15 6.23
N ILE B 83 9.68 6.43 6.70
CA ILE B 83 9.12 5.76 7.88
C ILE B 83 7.97 4.83 7.44
N LEU B 84 8.29 3.54 7.47
CA LEU B 84 7.34 2.49 7.10
C LEU B 84 6.51 2.19 8.31
N LEU B 85 5.27 2.66 8.31
CA LEU B 85 4.45 2.71 9.50
C LEU B 85 3.00 2.98 9.15
N SER B 86 2.07 2.27 9.79
CA SER B 86 0.69 2.68 9.86
C SER B 86 0.49 3.70 10.97
N ILE B 87 -0.28 4.73 10.66
CA ILE B 87 -0.59 5.72 11.65
C ILE B 87 -1.52 5.16 12.73
N LEU B 88 -2.03 3.94 12.54
CA LEU B 88 -2.77 3.28 13.59
C LEU B 88 -1.86 2.77 14.72
N ASP B 89 -0.55 2.70 14.51
CA ASP B 89 0.37 2.23 15.54
C ASP B 89 0.83 3.41 16.43
N LYS B 90 0.01 3.73 17.42
CA LYS B 90 0.16 4.93 18.24
C LYS B 90 1.54 4.98 18.87
N GLN B 91 1.93 3.84 19.45
CA GLN B 91 3.16 3.83 20.23
C GLN B 91 4.35 4.12 19.32
N SER B 92 4.39 3.54 18.13
CA SER B 92 5.50 3.80 17.20
C SER B 92 5.42 5.22 16.66
N LEU B 93 4.20 5.69 16.41
CA LEU B 93 4.02 7.05 15.88
C LEU B 93 4.47 8.10 16.90
N ASP B 94 4.10 7.90 18.15
CA ASP B 94 4.59 8.78 19.21
C ASP B 94 6.10 8.81 19.21
N GLU B 95 6.75 7.67 19.02
CA GLU B 95 8.21 7.65 19.06
C GLU B 95 8.79 8.42 17.90
N VAL B 96 8.16 8.29 16.74
CA VAL B 96 8.56 9.05 15.58
C VAL B 96 8.44 10.56 15.82
N LEU B 97 7.33 11.03 16.38
CA LEU B 97 7.19 12.47 16.63
C LEU B 97 8.12 13.00 17.70
N LYS B 98 8.40 12.22 18.73
CA LYS B 98 9.34 12.67 19.76
C LYS B 98 10.74 12.73 19.23
N THR B 99 11.05 11.90 18.25
CA THR B 99 12.41 11.80 17.71
C THR B 99 12.67 12.97 16.79
N TYR B 100 11.75 13.21 15.85
CA TYR B 100 11.93 14.22 14.83
C TYR B 100 11.33 15.58 15.15
N LYS B 101 10.38 15.64 16.07
CA LYS B 101 9.74 16.90 16.42
C LYS B 101 9.34 17.79 15.25
N PRO B 102 8.51 17.29 14.36
CA PRO B 102 8.05 18.08 13.21
C PRO B 102 7.22 19.31 13.65
N GLU B 103 7.38 20.42 12.93
CA GLU B 103 6.60 21.62 13.20
C GLU B 103 5.38 21.75 12.28
N LEU B 104 5.20 20.77 11.41
CA LEU B 104 4.09 20.75 10.49
C LEU B 104 3.81 19.31 10.09
N ILE B 105 2.55 18.95 10.14
CA ILE B 105 2.09 17.67 9.64
C ILE B 105 1.11 17.91 8.53
N LEU B 106 1.33 17.20 7.43
CA LEU B 106 0.46 17.27 6.27
C LEU B 106 -0.15 15.88 6.16
N HIS B 107 -1.42 15.76 6.55
CA HIS B 107 -2.07 14.48 6.75
C HIS B 107 -2.86 14.02 5.53
N ALA B 108 -2.22 13.20 4.69
CA ALA B 108 -2.79 12.75 3.44
C ALA B 108 -3.08 11.25 3.43
N ALA B 109 -2.93 10.56 4.54
CA ALA B 109 -3.15 9.12 4.60
C ALA B 109 -4.63 8.86 4.84
N ALA B 110 -5.22 8.04 4.00
CA ALA B 110 -6.65 7.69 4.11
C ALA B 110 -6.99 6.59 3.11
N TYR B 111 -8.14 5.96 3.33
CA TYR B 111 -8.81 5.23 2.30
C TYR B 111 -9.80 6.18 1.63
N LYS B 112 -9.76 6.22 0.31
CA LYS B 112 -10.47 7.20 -0.46
C LYS B 112 -11.46 6.66 -1.51
N HIS B 113 -11.54 5.35 -1.71
CA HIS B 113 -12.35 4.83 -2.80
C HIS B 113 -13.78 4.71 -2.32
N VAL B 114 -14.72 5.31 -3.03
CA VAL B 114 -16.12 5.17 -2.67
C VAL B 114 -16.53 3.68 -2.62
N PRO B 115 -16.30 2.91 -3.68
CA PRO B 115 -16.85 1.55 -3.61
C PRO B 115 -16.20 0.62 -2.57
N LEU B 116 -14.88 0.69 -2.45
CA LEU B 116 -14.21 -0.14 -1.46
C LEU B 116 -14.56 0.19 -0.04
N CYS B 117 -14.78 1.47 0.27
CA CYS B 117 -15.21 1.84 1.64
C CYS B 117 -16.66 1.41 1.88
N GLU B 118 -17.51 1.46 0.84
CA GLU B 118 -18.88 0.91 0.94
C GLU B 118 -18.84 -0.55 1.32
N GLN B 119 -17.93 -1.28 0.70
CA GLN B 119 -17.78 -2.72 0.92
C GLN B 119 -17.00 -3.01 2.16
N ASN B 120 -16.16 -2.07 2.65
CA ASN B 120 -15.41 -2.32 3.87
C ASN B 120 -15.56 -1.21 4.91
N PRO B 121 -16.79 -1.02 5.44
CA PRO B 121 -17.00 0.22 6.19
C PRO B 121 -16.23 0.28 7.50
N HIS B 122 -16.02 -0.86 8.12
CA HIS B 122 -15.31 -0.91 9.38
C HIS B 122 -13.87 -0.45 9.14
N SER B 123 -13.21 -0.96 8.12
CA SER B 123 -11.83 -0.56 7.83
C SER B 123 -11.75 0.91 7.44
N ALA B 124 -12.78 1.40 6.78
CA ALA B 124 -12.86 2.82 6.44
C ALA B 124 -12.87 3.68 7.71
N VAL B 125 -13.72 3.30 8.64
CA VAL B 125 -13.79 3.96 9.94
C VAL B 125 -12.47 3.90 10.67
N ILE B 126 -11.89 2.71 10.74
CA ILE B 126 -10.62 2.58 11.45
C ILE B 126 -9.47 3.35 10.80
N ASN B 127 -9.27 3.16 9.50
CA ASN B 127 -8.18 3.82 8.85
C ASN B 127 -8.33 5.32 8.77
N ASN B 128 -9.52 5.75 8.43
CA ASN B 128 -9.75 7.17 8.35
C ASN B 128 -9.93 7.90 9.68
N ILE B 129 -10.99 7.54 10.40
CA ILE B 129 -11.32 8.22 11.66
C ILE B 129 -10.37 7.92 12.79
N LEU B 130 -10.14 6.64 13.11
CA LEU B 130 -9.20 6.31 14.17
C LEU B 130 -7.79 6.68 13.79
N GLY B 131 -7.40 6.51 12.53
CA GLY B 131 -6.05 6.84 12.14
C GLY B 131 -5.86 8.33 12.26
N THR B 132 -6.86 9.09 11.86
CA THR B 132 -6.82 10.55 12.08
C THR B 132 -6.74 10.95 13.57
N LYS B 133 -7.57 10.32 14.38
CA LYS B 133 -7.53 10.58 15.81
C LYS B 133 -6.16 10.33 16.39
N ILE B 134 -5.57 9.18 16.07
CA ILE B 134 -4.25 8.84 16.59
C ILE B 134 -3.17 9.83 16.16
N LEU B 135 -3.13 10.13 14.87
CA LEU B 135 -2.15 11.08 14.35
C LEU B 135 -2.31 12.49 14.90
N CYS B 136 -3.57 12.94 14.95
CA CYS B 136 -3.92 14.26 15.51
C CYS B 136 -3.62 14.37 17.01
N ASP B 137 -4.04 13.38 17.79
CA ASP B 137 -3.73 13.41 19.23
C ASP B 137 -2.23 13.43 19.45
N SER B 138 -1.50 12.62 18.68
CA SER B 138 -0.04 12.52 18.87
C SER B 138 0.66 13.82 18.51
N ALA B 139 0.21 14.44 17.43
CA ALA B 139 0.72 15.76 17.03
C ALA B 139 0.49 16.84 18.09
N LYS B 140 -0.72 16.89 18.64
CA LYS B 140 -1.01 17.87 19.68
C LYS B 140 -0.12 17.61 20.91
N GLU B 141 -0.10 16.36 21.36
CA GLU B 141 0.74 16.00 22.50
C GLU B 141 2.21 16.34 22.27
N ASN B 142 2.67 16.20 21.03
CA ASN B 142 4.08 16.42 20.76
C ASN B 142 4.39 17.81 20.25
N LYS B 143 3.45 18.74 20.42
CA LYS B 143 3.71 20.15 20.24
C LYS B 143 4.04 20.50 18.81
N VAL B 144 3.45 19.77 17.87
CA VAL B 144 3.45 20.15 16.46
C VAL B 144 2.68 21.47 16.33
N ALA B 145 3.29 22.50 15.72
CA ALA B 145 2.65 23.81 15.62
C ALA B 145 1.42 23.84 14.71
N LYS B 146 1.47 23.11 13.59
CA LYS B 146 0.44 23.22 12.59
C LYS B 146 0.14 21.85 11.96
N PHE B 147 -1.15 21.58 11.75
CA PHE B 147 -1.64 20.28 11.27
C PHE B 147 -2.60 20.55 10.14
N VAL B 148 -2.28 20.13 8.92
CA VAL B 148 -3.16 20.30 7.77
C VAL B 148 -3.72 18.94 7.35
N MET B 149 -5.03 18.84 7.40
CA MET B 149 -5.81 17.65 7.07
C MET B 149 -6.28 17.80 5.62
N ILE B 150 -5.87 16.87 4.77
CA ILE B 150 -6.34 16.82 3.40
C ILE B 150 -7.73 16.20 3.48
N SER B 151 -8.73 16.96 3.05
CA SER B 151 -10.11 16.47 3.07
C SER B 151 -10.68 16.40 1.65
N THR B 152 -12.00 16.37 1.51
CA THR B 152 -12.59 16.19 0.19
C THR B 152 -13.99 16.83 0.14
N ASN B 153 -14.33 17.28 -1.05
CA ASN B 153 -15.68 17.76 -1.30
C ASN B 153 -16.72 16.70 -0.96
N ALA B 154 -16.31 15.43 -0.99
CA ALA B 154 -17.19 14.33 -0.61
C ALA B 154 -17.68 14.41 0.83
N ALA B 155 -17.01 15.20 1.65
CA ALA B 155 -17.44 15.38 3.06
C ALA B 155 -18.67 16.32 3.23
N VAL B 156 -19.08 16.99 2.16
CA VAL B 156 -20.22 17.89 2.20
C VAL B 156 -21.43 17.06 1.90
N ARG B 157 -22.35 16.97 2.86
CA ARG B 157 -23.63 16.28 2.68
C ARG B 157 -23.40 14.87 2.15
N PRO B 158 -22.61 14.11 2.90
CA PRO B 158 -22.07 12.84 2.40
C PRO B 158 -23.16 11.80 2.10
N THR B 159 -23.01 11.14 0.96
CA THR B 159 -23.90 10.04 0.63
C THR B 159 -23.21 8.68 0.67
N ASN B 160 -21.94 8.67 1.08
CA ASN B 160 -21.20 7.42 1.18
C ASN B 160 -20.29 7.35 2.41
N ILE B 161 -19.91 6.11 2.73
CA ILE B 161 -19.10 5.82 3.91
C ILE B 161 -17.83 6.62 3.86
N MET B 162 -17.17 6.63 2.72
CA MET B 162 -15.88 7.26 2.63
C MET B 162 -15.99 8.76 2.99
N GLY B 163 -16.88 9.43 2.29
CA GLY B 163 -17.17 10.85 2.48
C GLY B 163 -17.52 11.18 3.92
N CYS B 164 -18.33 10.32 4.51
CA CYS B 164 -18.76 10.52 5.88
C CYS B 164 -17.62 10.41 6.87
N THR B 165 -16.71 9.46 6.63
CA THR B 165 -15.59 9.30 7.52
C THR B 165 -14.71 10.54 7.41
N LYS B 166 -14.53 11.07 6.22
CA LYS B 166 -13.73 12.25 6.05
C LYS B 166 -14.41 13.44 6.77
N ARG B 167 -15.74 13.50 6.77
CA ARG B 167 -16.41 14.59 7.47
C ARG B 167 -16.13 14.51 8.98
N VAL B 168 -16.18 13.28 9.51
CA VAL B 168 -15.89 13.06 10.93
C VAL B 168 -14.47 13.50 11.26
N CYS B 169 -13.53 13.24 10.34
CA CYS B 169 -12.15 13.67 10.54
C CYS B 169 -12.02 15.19 10.55
N GLU B 170 -12.81 15.89 9.74
CA GLU B 170 -12.84 17.36 9.84
C GLU B 170 -13.30 17.80 11.24
N LEU B 171 -14.44 17.25 11.65
CA LEU B 171 -15.01 17.58 12.93
C LEU B 171 -13.99 17.34 14.01
N TYR B 172 -13.29 16.20 13.97
CA TYR B 172 -12.35 15.86 15.04
C TYR B 172 -11.15 16.80 15.04
N THR B 173 -10.51 16.99 13.89
CA THR B 173 -9.27 17.74 13.88
C THR B 173 -9.57 19.24 14.21
N LEU B 174 -10.61 19.80 13.61
CA LEU B 174 -10.96 21.19 13.84
C LEU B 174 -11.29 21.43 15.31
N SER B 175 -11.94 20.47 15.95
CA SER B 175 -12.21 20.61 17.37
C SER B 175 -10.96 20.54 18.27
N MET B 176 -9.87 19.97 17.79
CA MET B 176 -8.64 19.89 18.55
C MET B 176 -7.84 21.18 18.40
N SER B 177 -8.19 22.01 17.42
CA SER B 177 -7.44 23.21 17.13
C SER B 177 -7.44 24.18 18.32
N ASP B 178 -6.30 24.79 18.58
CA ASP B 178 -6.23 25.91 19.53
C ASP B 178 -5.08 26.84 19.19
N GLU B 179 -4.87 27.86 20.00
CA GLU B 179 -3.76 28.80 19.81
C GLU B 179 -2.39 28.15 19.63
N ASN B 180 -2.14 27.00 20.27
CA ASN B 180 -0.83 26.34 20.14
C ASN B 180 -0.69 25.26 19.07
N PHE B 181 -1.82 24.68 18.71
CA PHE B 181 -1.90 23.58 17.76
C PHE B 181 -2.93 24.01 16.74
N GLU B 182 -2.46 24.58 15.64
CA GLU B 182 -3.35 25.19 14.67
C GLU B 182 -3.67 24.15 13.59
N VAL B 183 -4.95 23.88 13.44
CA VAL B 183 -5.41 22.90 12.49
C VAL B 183 -6.09 23.60 11.35
N ALA B 184 -5.77 23.20 10.13
CA ALA B 184 -6.59 23.51 8.98
C ALA B 184 -6.99 22.30 8.16
N CYS B 185 -8.21 22.28 7.64
CA CYS B 185 -8.62 21.24 6.71
C CYS B 185 -8.78 21.89 5.37
N VAL B 186 -8.48 21.13 4.31
CA VAL B 186 -8.65 21.65 2.96
C VAL B 186 -9.47 20.71 2.08
N ARG B 187 -10.63 21.17 1.65
CA ARG B 187 -11.50 20.38 0.80
C ARG B 187 -11.21 20.70 -0.67
N PHE B 188 -11.10 19.65 -1.47
CA PHE B 188 -11.06 19.82 -2.92
C PHE B 188 -11.66 18.61 -3.59
N GLY B 189 -11.78 18.68 -4.92
CA GLY B 189 -12.37 17.61 -5.72
C GLY B 189 -11.34 16.77 -6.44
N ASN B 190 -11.74 16.17 -7.56
CA ASN B 190 -11.00 15.08 -8.19
C ASN B 190 -9.65 15.56 -8.69
N VAL B 191 -8.58 14.87 -8.28
CA VAL B 191 -7.28 15.07 -8.79
C VAL B 191 -7.04 14.25 -10.07
N LEU B 192 -6.77 14.98 -11.13
CA LEU B 192 -6.59 14.35 -12.45
C LEU B 192 -5.55 13.24 -12.49
N GLY B 193 -5.93 12.06 -12.93
CA GLY B 193 -4.97 10.95 -13.03
C GLY B 193 -4.51 10.32 -11.74
N SER B 194 -5.19 10.59 -10.65
CA SER B 194 -4.80 10.00 -9.39
C SER B 194 -4.95 8.46 -9.34
N SER B 195 -4.25 7.86 -8.37
CA SER B 195 -4.29 6.43 -8.16
C SER B 195 -5.72 5.88 -8.21
N GLY B 196 -5.93 4.91 -9.07
CA GLY B 196 -7.18 4.14 -9.07
C GLY B 196 -8.37 4.91 -9.59
N SER B 197 -8.13 6.02 -10.27
CA SER B 197 -9.18 6.93 -10.70
C SER B 197 -9.55 6.70 -12.17
N VAL B 198 -10.45 7.51 -12.70
CA VAL B 198 -11.11 7.21 -13.97
C VAL B 198 -10.20 7.40 -15.17
N ILE B 199 -9.27 8.34 -15.14
CA ILE B 199 -8.34 8.49 -16.26
C ILE B 199 -7.42 7.28 -16.50
N PRO B 200 -6.72 6.80 -15.46
CA PRO B 200 -6.00 5.53 -15.66
C PRO B 200 -6.87 4.36 -16.10
N LYS B 201 -8.11 4.25 -15.61
CA LYS B 201 -9.02 3.18 -16.05
C LYS B 201 -9.24 3.28 -17.57
N PHE B 202 -9.72 4.43 -18.04
CA PHE B 202 -9.93 4.63 -19.46
C PHE B 202 -8.67 4.39 -20.27
N LYS B 203 -7.53 4.93 -19.84
CA LYS B 203 -6.24 4.69 -20.49
C LYS B 203 -5.94 3.20 -20.68
N ALA B 204 -6.23 2.42 -19.67
CA ALA B 204 -5.98 0.97 -19.73
C ALA B 204 -6.97 0.25 -20.64
N GLN B 205 -8.25 0.69 -20.62
CA GLN B 205 -9.27 0.08 -21.46
C GLN B 205 -8.90 0.34 -22.92
N ILE B 206 -8.51 1.56 -23.22
CA ILE B 206 -8.13 1.92 -24.58
C ILE B 206 -6.95 1.05 -25.07
N ALA B 207 -5.92 0.97 -24.22
CA ALA B 207 -4.70 0.26 -24.53
C ALA B 207 -4.97 -1.22 -24.71
N ASN B 208 -6.00 -1.75 -24.04
CA ASN B 208 -6.47 -3.12 -24.17
C ASN B 208 -7.69 -3.30 -25.06
N ASN B 209 -7.93 -2.33 -25.94
CA ASN B 209 -8.99 -2.43 -26.94
C ASN B 209 -10.33 -2.82 -26.36
N GLU B 210 -10.59 -2.38 -25.13
CA GLU B 210 -11.88 -2.55 -24.49
C GLU B 210 -12.76 -1.31 -24.60
N PRO B 211 -14.08 -1.51 -24.60
CA PRO B 211 -14.98 -0.36 -24.49
C PRO B 211 -14.80 0.38 -23.15
N LEU B 212 -14.87 1.72 -23.21
CA LEU B 212 -14.81 2.56 -21.99
C LEU B 212 -16.07 2.38 -21.19
N THR B 213 -15.94 2.23 -19.87
CA THR B 213 -17.11 1.98 -19.02
C THR B 213 -17.48 3.30 -18.33
N LEU B 214 -18.60 3.91 -18.73
CA LEU B 214 -19.05 5.19 -18.22
C LEU B 214 -20.22 4.91 -17.31
N THR B 215 -20.17 5.41 -16.09
CA THR B 215 -21.24 5.10 -15.13
C THR B 215 -22.62 5.65 -15.51
N HIS B 216 -22.65 6.88 -16.00
CA HIS B 216 -23.90 7.54 -16.32
C HIS B 216 -23.66 8.60 -17.39
N PRO B 217 -24.60 8.77 -18.33
CA PRO B 217 -24.30 9.71 -19.43
C PRO B 217 -24.11 11.18 -18.98
N ASP B 218 -24.67 11.55 -17.83
CA ASP B 218 -24.78 12.94 -17.42
C ASP B 218 -23.86 13.27 -16.25
N ILE B 219 -23.06 12.32 -15.79
CA ILE B 219 -22.25 12.53 -14.60
C ILE B 219 -21.15 13.56 -14.89
N VAL B 220 -20.87 14.39 -13.90
CA VAL B 220 -19.80 15.40 -14.01
C VAL B 220 -18.95 15.40 -12.77
N ARG B 221 -17.72 15.88 -12.92
CA ARG B 221 -16.85 16.04 -11.78
C ARG B 221 -16.07 17.32 -11.98
N TYR B 222 -15.64 17.88 -10.86
CA TYR B 222 -14.65 18.95 -10.86
C TYR B 222 -13.26 18.34 -10.84
N PHE B 223 -12.35 18.89 -11.63
CA PHE B 223 -10.99 18.37 -11.69
C PHE B 223 -9.90 19.47 -11.49
N MET B 224 -8.76 19.08 -10.92
CA MET B 224 -7.55 19.85 -11.04
C MET B 224 -6.36 18.92 -11.05
N LEU B 225 -5.24 19.49 -11.45
CA LEU B 225 -3.96 18.76 -11.42
C LEU B 225 -3.43 18.65 -10.00
N VAL B 226 -2.69 17.57 -9.73
CA VAL B 226 -2.13 17.32 -8.40
C VAL B 226 -1.21 18.45 -7.94
N ALA B 227 -0.42 18.99 -8.85
CA ALA B 227 0.52 20.08 -8.48
C ALA B 227 -0.26 21.35 -8.11
N GLU B 228 -1.45 21.54 -8.71
CA GLU B 228 -2.26 22.71 -8.43
C GLU B 228 -2.95 22.54 -7.08
N ALA B 229 -3.55 21.39 -6.87
CA ALA B 229 -4.23 21.15 -5.61
C ALA B 229 -3.26 21.21 -4.43
N VAL B 230 -2.10 20.58 -4.60
CA VAL B 230 -1.11 20.55 -3.52
C VAL B 230 -0.56 21.94 -3.18
N GLN B 231 -0.17 22.67 -4.19
CA GLN B 231 0.29 24.03 -3.92
C GLN B 231 -0.76 24.91 -3.23
N LEU B 232 -2.02 24.82 -3.66
CA LEU B 232 -3.03 25.62 -3.03
C LEU B 232 -3.26 25.11 -1.60
N VAL B 233 -3.21 23.79 -1.37
CA VAL B 233 -3.32 23.32 0.00
C VAL B 233 -2.20 23.96 0.84
N LEU B 234 -0.98 24.02 0.30
CA LEU B 234 0.13 24.58 1.06
C LEU B 234 -0.06 26.10 1.33
N GLN B 235 -0.63 26.80 0.35
CA GLN B 235 -0.90 28.25 0.51
C GLN B 235 -1.97 28.41 1.55
N ALA B 236 -2.97 27.51 1.58
CA ALA B 236 -3.98 27.54 2.62
C ALA B 236 -3.42 27.28 4.04
N GLY B 237 -2.54 26.28 4.13
CA GLY B 237 -1.84 26.02 5.38
C GLY B 237 -1.02 27.23 5.82
N ALA B 238 -0.36 27.89 4.86
CA ALA B 238 0.45 29.08 5.13
C ALA B 238 -0.34 30.25 5.71
N ILE B 239 -1.57 30.48 5.27
CA ILE B 239 -2.35 31.63 5.79
C ILE B 239 -3.22 31.28 6.98
N ALA B 240 -3.30 30.00 7.31
CA ALA B 240 -4.14 29.53 8.39
C ALA B 240 -3.71 30.04 9.75
N LYS B 241 -4.69 30.37 10.58
CA LYS B 241 -4.43 30.82 11.94
C LYS B 241 -4.93 29.81 12.94
N GLY B 242 -5.66 28.80 12.46
CA GLY B 242 -6.06 27.64 13.25
C GLY B 242 -7.57 27.62 13.21
N GLY B 243 -8.17 26.46 13.00
CA GLY B 243 -9.61 26.35 12.95
C GLY B 243 -10.30 26.47 11.61
N GLU B 244 -9.53 26.69 10.53
CA GLU B 244 -10.17 26.95 9.24
C GLU B 244 -10.45 25.70 8.47
N LEU B 245 -11.62 25.67 7.86
CA LEU B 245 -12.06 24.65 6.94
C LEU B 245 -12.05 25.32 5.59
N PHE B 246 -10.96 25.09 4.86
CA PHE B 246 -10.76 25.70 3.56
C PHE B 246 -11.39 24.85 2.44
N VAL B 247 -11.67 25.51 1.33
CA VAL B 247 -12.20 24.87 0.16
C VAL B 247 -11.58 25.51 -1.09
N LEU B 248 -11.19 24.69 -2.06
CA LEU B 248 -10.59 25.18 -3.30
C LEU B 248 -11.61 25.36 -4.41
N ASP B 249 -11.44 26.41 -5.20
CA ASP B 249 -12.27 26.58 -6.36
C ASP B 249 -11.63 25.84 -7.50
N MET B 250 -12.44 25.18 -8.29
CA MET B 250 -11.98 24.27 -9.32
C MET B 250 -12.49 24.53 -10.68
N GLY B 251 -13.17 25.63 -10.83
CA GLY B 251 -13.68 26.00 -12.13
C GLY B 251 -14.93 25.21 -12.42
N LYS B 252 -15.19 25.04 -13.69
CA LYS B 252 -16.43 24.41 -14.16
C LYS B 252 -16.32 22.89 -14.07
N PRO B 253 -17.45 22.21 -13.78
CA PRO B 253 -17.41 20.75 -13.85
C PRO B 253 -17.23 20.21 -15.25
N VAL B 254 -16.76 18.98 -15.38
CA VAL B 254 -16.51 18.36 -16.67
C VAL B 254 -17.36 17.11 -16.76
N LYS B 255 -18.09 16.97 -17.86
CA LYS B 255 -18.85 15.77 -18.13
C LYS B 255 -17.90 14.59 -18.36
N ILE B 256 -18.18 13.48 -17.72
CA ILE B 256 -17.29 12.35 -17.84
C ILE B 256 -17.37 11.77 -19.24
N ILE B 257 -18.55 11.79 -19.85
CA ILE B 257 -18.64 11.43 -21.28
C ILE B 257 -17.75 12.24 -22.21
N ASP B 258 -17.61 13.54 -21.94
CA ASP B 258 -16.74 14.40 -22.71
C ASP B 258 -15.28 14.04 -22.47
N LEU B 259 -14.97 13.70 -21.24
CA LEU B 259 -13.65 13.21 -20.90
C LEU B 259 -13.34 11.91 -21.67
N ALA B 260 -14.30 11.01 -21.65
CA ALA B 260 -14.16 9.75 -22.39
C ALA B 260 -13.93 10.00 -23.88
N LYS B 261 -14.74 10.86 -24.47
CA LYS B 261 -14.60 11.14 -25.91
C LYS B 261 -13.27 11.80 -26.23
N LYS B 262 -12.84 12.74 -25.40
CA LYS B 262 -11.57 13.41 -25.66
C LYS B 262 -10.37 12.49 -25.59
N MET B 263 -10.39 11.59 -24.63
CA MET B 263 -9.39 10.55 -24.55
C MET B 263 -9.30 9.67 -25.77
N LEU B 264 -10.45 9.27 -26.27
CA LEU B 264 -10.53 8.47 -27.48
C LEU B 264 -9.97 9.26 -28.66
N LEU B 265 -10.31 10.55 -28.73
CA LEU B 265 -9.88 11.39 -29.85
C LEU B 265 -8.37 11.57 -29.78
N LEU B 266 -7.83 11.77 -28.58
CA LEU B 266 -6.40 11.96 -28.45
C LEU B 266 -5.59 10.71 -28.84
N SER B 267 -6.13 9.50 -28.69
CA SER B 267 -5.40 8.34 -29.20
C SER B 267 -5.86 7.82 -30.56
N ASN B 268 -6.46 8.69 -31.36
CA ASN B 268 -7.05 8.35 -32.67
C ASN B 268 -7.88 7.07 -32.62
N ARG B 269 -8.60 6.87 -31.52
CA ARG B 269 -9.26 5.61 -31.25
C ARG B 269 -10.75 5.74 -31.25
N ASN B 270 -11.34 6.23 -32.33
CA ASN B 270 -12.79 6.19 -32.39
C ASN B 270 -13.38 4.85 -32.90
N ASP B 271 -12.54 3.84 -33.13
CA ASP B 271 -13.03 2.45 -33.15
C ASP B 271 -13.70 1.88 -31.86
N LEU B 272 -13.60 2.55 -30.72
CA LEU B 272 -14.04 1.97 -29.46
C LEU B 272 -15.38 2.55 -29.03
N GLU B 273 -16.21 1.73 -28.41
CA GLU B 273 -17.46 2.16 -27.83
C GLU B 273 -17.34 2.71 -26.41
N ILE B 274 -18.28 3.57 -26.04
CA ILE B 274 -18.46 4.00 -24.66
C ILE B 274 -19.71 3.32 -24.11
N LYS B 275 -19.58 2.47 -23.10
CA LYS B 275 -20.71 1.69 -22.62
C LYS B 275 -21.19 2.21 -21.29
N ILE B 276 -22.50 2.31 -21.10
CA ILE B 276 -23.08 2.79 -19.86
C ILE B 276 -23.18 1.61 -18.91
N THR B 277 -22.61 1.72 -17.72
CA THR B 277 -22.58 0.58 -16.85
C THR B 277 -23.32 0.85 -15.54
N GLY B 278 -23.79 2.09 -15.32
CA GLY B 278 -24.59 2.41 -14.15
C GLY B 278 -23.80 3.03 -12.99
N LEU B 279 -24.52 3.81 -12.20
CA LEU B 279 -23.94 4.46 -11.03
C LEU B 279 -23.48 3.40 -10.06
N ARG B 280 -22.33 3.65 -9.43
CA ARG B 280 -21.81 2.79 -8.39
C ARG B 280 -22.45 3.22 -7.05
N LYS B 281 -22.60 2.32 -6.10
CA LYS B 281 -23.38 2.61 -4.92
C LYS B 281 -22.62 3.67 -4.10
N GLY B 282 -23.34 4.66 -3.60
CA GLY B 282 -22.72 5.76 -2.86
C GLY B 282 -22.37 6.99 -3.66
N GLU B 283 -22.38 6.84 -4.98
CA GLU B 283 -21.86 7.84 -5.91
C GLU B 283 -22.85 8.98 -6.16
N LYS B 284 -22.43 10.24 -6.21
CA LYS B 284 -23.34 11.31 -6.59
C LYS B 284 -23.23 11.57 -8.08
N LEU B 285 -24.31 12.00 -8.70
CA LEU B 285 -24.30 12.39 -10.11
C LEU B 285 -23.70 13.77 -10.33
N TYR B 286 -23.99 14.72 -9.45
CA TYR B 286 -23.49 16.10 -9.67
C TYR B 286 -22.53 16.70 -8.62
N GLU B 287 -22.07 15.87 -7.70
CA GLU B 287 -21.43 16.37 -6.47
C GLU B 287 -22.23 17.50 -5.82
N GLU B 288 -21.58 18.52 -5.30
CA GLU B 288 -22.27 19.58 -4.55
C GLU B 288 -21.76 20.91 -5.05
N LEU B 289 -22.60 21.94 -4.88
CA LEU B 289 -22.15 23.31 -4.90
C LEU B 289 -20.75 23.39 -4.26
N LEU B 290 -19.75 23.83 -5.02
CA LEU B 290 -18.38 23.88 -4.45
C LEU B 290 -18.24 24.92 -3.34
N ILE B 291 -18.64 26.15 -3.69
CA ILE B 291 -18.34 27.34 -2.88
C ILE B 291 -19.69 27.99 -2.54
N ASP B 292 -20.05 28.08 -1.27
CA ASP B 292 -21.25 28.78 -0.83
C ASP B 292 -21.07 30.28 -1.01
N GLU B 293 -22.16 30.98 -1.37
CA GLU B 293 -22.05 32.43 -1.64
C GLU B 293 -21.58 33.26 -0.45
N ASN B 294 -21.77 32.69 0.74
CA ASN B 294 -21.25 33.26 1.96
C ASN B 294 -19.94 32.69 2.55
N ASP B 295 -19.22 31.83 1.84
CA ASP B 295 -17.89 31.42 2.31
C ASP B 295 -17.00 32.68 2.25
N ALA B 296 -16.12 32.89 3.23
CA ALA B 296 -15.20 34.00 3.26
C ALA B 296 -14.14 33.90 2.15
N LYS B 297 -13.86 35.02 1.51
CA LYS B 297 -12.74 35.15 0.59
C LYS B 297 -11.42 35.10 1.34
N THR B 298 -10.35 34.71 0.65
CA THR B 298 -9.02 34.92 1.18
C THR B 298 -8.31 35.77 0.16
N GLN B 299 -7.01 35.98 0.40
CA GLN B 299 -6.23 36.74 -0.57
CA GLN B 299 -6.09 36.68 -0.50
C GLN B 299 -5.98 35.98 -1.84
N TYR B 300 -6.35 34.69 -1.89
CA TYR B 300 -6.19 33.89 -3.07
C TYR B 300 -7.60 33.64 -3.61
N GLU B 301 -7.79 33.90 -4.90
CA GLU B 301 -9.13 33.75 -5.49
C GLU B 301 -9.54 32.28 -5.64
N SER B 302 -8.56 31.37 -5.59
CA SER B 302 -8.86 29.96 -5.62
C SER B 302 -9.15 29.39 -4.22
N ILE B 303 -9.03 30.17 -3.17
CA ILE B 303 -9.17 29.55 -1.85
C ILE B 303 -10.19 30.28 -1.01
N PHE B 304 -11.19 29.55 -0.51
CA PHE B 304 -12.23 30.10 0.33
C PHE B 304 -12.23 29.44 1.70
N VAL B 305 -12.88 30.09 2.66
CA VAL B 305 -13.10 29.52 4.00
C VAL B 305 -14.58 29.24 4.23
N ALA B 306 -14.92 27.97 4.47
CA ALA B 306 -16.28 27.55 4.82
C ALA B 306 -16.53 27.55 6.30
N LYS B 307 -17.79 27.61 6.68
CA LYS B 307 -18.18 27.79 8.09
C LYS B 307 -18.08 26.43 8.75
N ASN B 308 -17.50 26.37 9.93
CA ASN B 308 -17.48 25.15 10.72
C ASN B 308 -17.49 25.53 12.20
N GLU B 309 -18.20 24.69 12.96
CA GLU B 309 -18.45 24.89 14.37
C GLU B 309 -17.70 23.75 15.07
N LYS B 310 -16.88 24.04 16.07
CA LYS B 310 -16.32 23.00 16.90
C LYS B 310 -17.44 22.17 17.53
N VAL B 311 -17.06 20.99 17.99
CA VAL B 311 -17.99 20.04 18.48
C VAL B 311 -17.35 19.63 19.79
N ASP B 312 -18.16 19.19 20.74
CA ASP B 312 -17.66 18.71 22.01
C ASP B 312 -16.87 17.42 21.84
N LEU B 313 -15.56 17.50 22.13
CA LEU B 313 -14.65 16.39 21.97
C LEU B 313 -14.97 15.22 22.87
N ASP B 314 -15.46 15.47 24.08
CA ASP B 314 -15.83 14.37 24.96
C ASP B 314 -16.91 13.57 24.27
N TRP B 315 -17.89 14.25 23.72
CA TRP B 315 -18.98 13.54 23.07
C TRP B 315 -18.46 12.79 21.84
N LEU B 316 -17.62 13.49 21.08
CA LEU B 316 -17.07 12.92 19.86
C LEU B 316 -16.22 11.69 20.13
N ASN B 317 -15.40 11.74 21.18
CA ASN B 317 -14.60 10.59 21.56
C ASN B 317 -15.43 9.36 21.92
N LYS B 318 -16.49 9.55 22.70
CA LYS B 318 -17.48 8.50 22.92
C LYS B 318 -18.05 7.91 21.64
N GLU B 319 -18.42 8.75 20.70
CA GLU B 319 -19.00 8.25 19.46
C GLU B 319 -18.00 7.46 18.64
N ILE B 320 -16.75 7.92 18.65
CA ILE B 320 -15.66 7.23 18.00
C ILE B 320 -15.39 5.88 18.66
N GLU B 321 -15.40 5.82 20.00
CA GLU B 321 -15.31 4.52 20.69
C GLU B 321 -16.40 3.60 20.19
N ASN B 322 -17.64 4.09 20.15
CA ASN B 322 -18.76 3.26 19.70
C ASN B 322 -18.57 2.81 18.26
N LEU B 323 -18.04 3.71 17.43
CA LEU B 323 -17.84 3.34 16.02
C LEU B 323 -16.98 2.10 15.84
N GLN B 324 -16.06 1.85 16.75
CA GLN B 324 -15.12 0.74 16.63
C GLN B 324 -15.68 -0.61 17.04
N ILE B 325 -16.84 -0.62 17.68
CA ILE B 325 -17.49 -1.88 18.04
C ILE B 325 -18.92 -2.05 17.56
N CYS B 326 -19.56 -0.97 17.11
CA CYS B 326 -21.00 -0.98 16.85
C CYS B 326 -21.35 -1.90 15.68
N GLU B 327 -22.61 -2.28 15.57
CA GLU B 327 -23.01 -3.24 14.55
C GLU B 327 -23.45 -2.54 13.29
N ASP B 328 -24.01 -1.34 13.40
CA ASP B 328 -24.48 -0.65 12.21
C ASP B 328 -23.70 0.64 12.05
N ILE B 329 -22.62 0.57 11.28
CA ILE B 329 -21.76 1.72 11.06
C ILE B 329 -22.48 2.86 10.40
N SER B 330 -23.28 2.59 9.37
CA SER B 330 -23.98 3.65 8.67
C SER B 330 -24.85 4.44 9.64
N GLU B 331 -25.65 3.73 10.41
CA GLU B 331 -26.55 4.38 11.34
C GLU B 331 -25.76 5.16 12.38
N ALA B 332 -24.64 4.61 12.82
CA ALA B 332 -23.80 5.29 13.81
C ALA B 332 -23.17 6.58 13.27
N LEU B 333 -22.79 6.56 12.00
CA LEU B 333 -22.13 7.69 11.39
C LEU B 333 -23.14 8.84 11.32
N LEU B 334 -24.39 8.50 11.00
CA LEU B 334 -25.53 9.43 11.05
C LEU B 334 -25.71 10.17 12.36
N LYS B 335 -25.52 9.50 13.49
CA LYS B 335 -25.65 10.21 14.74
C LYS B 335 -24.55 11.27 14.90
N ILE B 336 -23.45 11.15 14.15
CA ILE B 336 -22.38 12.13 14.24
C ILE B 336 -22.53 13.17 13.16
N VAL B 337 -23.03 12.78 11.99
CA VAL B 337 -23.14 13.66 10.86
C VAL B 337 -24.60 13.56 10.46
N PRO B 338 -25.41 14.46 11.01
CA PRO B 338 -26.83 14.23 10.76
C PRO B 338 -27.25 14.51 9.32
N GLU B 339 -26.42 15.23 8.55
CA GLU B 339 -26.66 15.38 7.12
C GLU B 339 -26.33 14.17 6.19
N PHE B 340 -25.75 13.13 6.77
CA PHE B 340 -25.41 11.89 6.04
C PHE B 340 -26.65 11.19 5.49
N LYS B 341 -26.74 11.07 4.17
CA LYS B 341 -27.79 10.33 3.50
C LYS B 341 -27.20 9.16 2.73
N HIS B 342 -27.23 8.00 3.38
CA HIS B 342 -26.73 6.75 2.83
C HIS B 342 -27.86 5.93 2.28
PA NAD C . 4.43 -6.80 -2.51
O1A NAD C . 4.80 -5.71 -1.55
O2A NAD C . 4.27 -6.47 -3.98
O5B NAD C . 3.12 -7.59 -2.05
C5B NAD C . 2.79 -7.73 -0.66
C4B NAD C . 1.35 -7.28 -0.49
O4B NAD C . 1.01 -7.47 0.89
C3B NAD C . 1.12 -5.81 -0.83
O3B NAD C . 0.03 -5.58 -1.73
C2B NAD C . 0.86 -5.15 0.53
O2B NAD C . -0.05 -4.04 0.47
C1B NAD C . 0.32 -6.32 1.35
N9A NAD C . 0.48 -6.19 2.80
C8A NAD C . 1.64 -5.97 3.44
N7A NAD C . 1.42 -5.94 4.78
C5A NAD C . 0.12 -6.20 4.97
C6A NAD C . -0.80 -6.29 6.10
N6A NAD C . -0.31 -6.08 7.33
N1A NAD C . -2.09 -6.59 5.87
C2A NAD C . -2.58 -6.75 4.63
N3A NAD C . -1.84 -6.60 3.53
C4A NAD C . -0.51 -6.36 3.65
O3 NAD C . 5.62 -7.88 -2.45
PN NAD C . 5.77 -9.28 -3.29
O1N NAD C . 4.42 -9.67 -3.81
O2N NAD C . 6.90 -9.15 -4.29
O5D NAD C . 6.30 -10.18 -2.11
C5D NAD C . 5.24 -10.85 -1.41
C4D NAD C . 5.78 -12.00 -0.61
O4D NAD C . 6.74 -12.78 -1.29
C3D NAD C . 6.47 -11.54 0.62
O3D NAD C . 5.98 -12.45 1.64
C2D NAD C . 7.94 -11.68 0.34
O2D NAD C . 8.33 -11.80 1.70
C1D NAD C . 7.94 -12.92 -0.57
N1N NAD C . 9.00 -13.06 -1.61
C2N NAD C . 9.11 -12.18 -2.63
C3N NAD C . 10.13 -12.27 -3.58
C7N NAD C . 10.30 -11.25 -4.67
O7N NAD C . 11.40 -11.22 -5.23
N7N NAD C . 9.32 -10.38 -4.94
C4N NAD C . 11.00 -13.34 -3.55
C5N NAD C . 10.84 -14.27 -2.53
C6N NAD C . 9.85 -14.11 -1.57
C1' UD1 D . 14.38 -9.51 -3.53
C2' UD1 D . 13.16 -9.18 -2.73
C3' UD1 D . 13.28 -9.82 -1.34
C4' UD1 D . 13.52 -11.33 -1.43
C5' UD1 D . 14.64 -11.64 -2.41
C6' UD1 D . 14.66 -13.14 -2.77
C7' UD1 D . 12.26 -7.06 -3.52
C8' UD1 D . 12.36 -5.55 -3.40
N2' UD1 D . 13.05 -7.73 -2.68
O1' UD1 D . 15.50 -8.95 -2.83
O3' UD1 D . 12.09 -9.62 -0.59
O4' UD1 D . 13.89 -11.74 -0.11
O5' UD1 D . 14.49 -10.93 -3.64
O6' UD1 D . 15.96 -13.54 -3.16
O7' UD1 D . 11.53 -7.62 -4.31
N1 UD1 D . 20.52 -3.83 -7.17
C2 UD1 D . 21.40 -2.94 -7.84
N3 UD1 D . 21.01 -1.65 -8.00
C4 UD1 D . 19.84 -1.17 -7.58
C5 UD1 D . 18.99 -2.03 -6.86
C6 UD1 D . 19.35 -3.36 -6.68
O2 UD1 D . 22.49 -3.34 -8.35
O4 UD1 D . 19.60 0.05 -7.76
C1B UD1 D . 20.92 -5.22 -6.97
C2B UD1 D . 20.86 -5.74 -5.52
O2' UD1 D . 22.07 -5.39 -4.84
C3B UD1 D . 20.60 -7.20 -5.74
C4B UD1 D . 19.80 -7.23 -7.03
O4B UD1 D . 20.07 -5.99 -7.76
O3B UD1 D . 21.84 -7.83 -6.01
C5B UD1 D . 18.29 -7.35 -6.83
O5B UD1 D . 17.84 -6.31 -5.94
PA UD1 D . 16.23 -6.19 -5.65
O1A UD1 D . 16.14 -4.96 -4.85
O2A UD1 D . 15.54 -6.34 -6.96
O3A UD1 D . 15.93 -7.52 -4.75
PB UD1 D . 16.74 -8.20 -3.54
O1B UD1 D . 17.71 -9.19 -4.13
O2B UD1 D . 17.23 -7.23 -2.50
C1 EDO E . 9.09 1.65 13.16
O1 EDO E . 9.95 0.62 12.65
C2 EDO E . 8.87 2.83 12.22
O2 EDO E . 10.06 3.49 11.77
C1 EDO F . 2.17 -6.12 -9.27
C1 EDO F . 1.91 -5.93 -9.25
O1 EDO F . 3.61 -6.14 -9.14
O1 EDO F . 1.06 -6.54 -10.23
C2 EDO F . 1.38 -5.64 -8.04
C2 EDO F . 1.12 -5.41 -8.05
O2 EDO F . 1.80 -4.35 -7.59
O2 EDO F . 1.68 -4.15 -7.63
NA NA G . -17.00 -9.31 -6.26
NA NA H . 0.01 -6.88 -12.58
PA NAD I . -3.68 7.36 -2.32
O1A NAD I . -2.84 7.41 -3.59
O2A NAD I . -4.33 6.09 -1.83
O5B NAD I . -2.62 7.86 -1.22
C5B NAD I . -2.92 7.68 0.20
C4B NAD I . -1.65 7.16 0.89
O4B NAD I . -1.90 6.93 2.30
C3B NAD I . -1.14 5.84 0.28
O3B NAD I . 0.25 5.84 -0.12
C2B NAD I . -1.43 4.86 1.39
O2B NAD I . -0.55 3.73 1.39
C1B NAD I . -1.32 5.69 2.64
N9A NAD I . -2.03 5.22 3.81
C8A NAD I . -3.33 4.88 3.88
N7A NAD I . -3.63 4.51 5.13
C5A NAD I . -2.50 4.65 5.86
C6A NAD I . -2.14 4.40 7.24
N6A NAD I . -3.10 3.92 8.06
N1A NAD I . -0.87 4.68 7.63
C2A NAD I . 0.03 5.15 6.76
N3A NAD I . -0.20 5.34 5.45
C4A NAD I . -1.45 5.12 5.00
O3 NAD I . -4.83 8.47 -2.32
PN NAD I . -4.68 10.03 -2.77
O1N NAD I . -5.23 10.15 -4.14
O2N NAD I . -3.28 10.48 -2.68
O5D NAD I . -5.61 10.68 -1.65
C5D NAD I . -5.10 11.13 -0.37
C4D NAD I . -6.12 11.93 0.44
O4D NAD I . -6.51 13.00 -0.44
C3D NAD I . -7.36 11.15 0.85
O3D NAD I . -8.40 11.46 1.82
C2D NAD I . -8.27 11.56 -0.25
O2D NAD I . -9.58 11.36 0.27
C1D NAD I . -7.94 13.04 -0.49
N1N NAD I . -8.52 13.45 -1.78
C2N NAD I . -8.17 12.84 -2.92
C3N NAD I . -8.71 13.23 -4.14
C7N NAD I . -8.33 12.55 -5.41
O7N NAD I . -8.96 12.79 -6.44
N7N NAD I . -7.29 11.68 -5.43
C4N NAD I . -9.60 14.30 -4.22
C5N NAD I . -9.92 14.93 -3.03
C6N NAD I . -9.36 14.51 -1.82
C1' UD1 J . -12.53 10.83 -6.39
C2' UD1 J . -11.68 10.20 -5.31
C3' UD1 J . -12.32 10.49 -3.95
C4' UD1 J . -12.58 12.00 -3.77
C5' UD1 J . -13.28 12.60 -4.98
C6' UD1 J . -13.18 14.15 -4.99
C7' UD1 J . -10.50 8.13 -6.24
C8' UD1 J . -9.42 9.05 -6.54
N2' UD1 J . -11.53 8.77 -5.64
O1' UD1 J . -13.81 10.20 -6.35
O3' UD1 J . -11.45 10.06 -2.90
O4' UD1 J . -13.48 12.20 -2.67
O5' UD1 J . -12.68 12.24 -6.21
O6' UD1 J . -14.28 14.72 -5.65
O7' UD1 J . -10.45 6.87 -6.55
N1 UD1 J . -16.34 6.68 -13.56
C2 UD1 J . -16.74 6.10 -14.80
N3 UD1 J . -16.24 4.91 -15.17
C4 UD1 J . -15.34 4.25 -14.42
C5 UD1 J . -14.92 4.80 -13.20
C6 UD1 J . -15.44 6.04 -12.79
O2 UD1 J . -17.51 6.71 -15.57
O4 UD1 J . -14.92 3.13 -14.84
C1B UD1 J . -16.85 8.00 -13.22
C2B UD1 J . -17.35 8.11 -11.79
O2' UD1 J . -18.73 7.71 -11.80
C3B UD1 J . -17.07 9.60 -11.51
C4B UD1 J . -15.83 9.94 -12.33
O4B UD1 J . -15.76 8.93 -13.38
O3B UD1 J . -18.17 10.35 -12.10
C5B UD1 J . -14.52 9.91 -11.55
O5B UD1 J . -14.46 8.67 -10.83
PA UD1 J . -13.16 8.33 -9.91
O1A UD1 J . -11.94 8.79 -10.65
O2A UD1 J . -13.30 6.89 -9.48
O3A UD1 J . -13.24 9.24 -8.57
PB UD1 J . -14.52 9.75 -7.71
O1B UD1 J . -15.37 8.61 -7.27
O2B UD1 J . -15.22 10.87 -8.45
C1 EDO K . -13.65 -4.37 7.32
O1 EDO K . -14.32 -3.29 6.63
C2 EDO K . -13.00 -5.43 6.43
O2 EDO K . -13.78 -5.83 5.29
NA NA L . 17.61 9.67 3.59
NA NA M . 4.59 9.86 -9.68
#